data_7QBD
#
_entry.id   7QBD
#
_cell.length_a   102.129
_cell.length_b   102.129
_cell.length_c   360.998
_cell.angle_alpha   90.000
_cell.angle_beta   90.000
_cell.angle_gamma   90.000
#
_symmetry.space_group_name_H-M   'P 43 21 2'
#
loop_
_entity.id
_entity.type
_entity.pdbx_description
1 polymer Transcobalamin-2
2 polymer 'CD320 antigen'
3 polymer 'Antitranscobalamin-nanobody TC-Nb26'
4 non-polymer CYANOCOBALAMIN
5 non-polymer 'CALCIUM ION'
#
loop_
_entity_poly.entity_id
_entity_poly.type
_entity_poly.pdbx_seq_one_letter_code
_entity_poly.pdbx_strand_id
1 'polypeptide(L)'
;EMCEIPEMDSHLVEKLGQHLLPWMDRLSLEHLNPSIYVGLRLSSLQAGTKEDLYLHSLKLGYQQCLLGSAFSEDDGDCQG
KPSMGQLALYLLALRANCEFVRGHKGDRLVSQLKWFLEDEKRAIGHDHKGHPHTSYYQYGLGILALCLHQKRVHDSVVDK
LLYAVEPFHQGHHSVDTAAMAGLAFTCLKRSNFNPGRRQRITMAIRTVQEEILKAQTPEGHFGNVYSTPLALQFLMTSPM
RGAELGTACLKARVALLASLQDGAFQNALMISQLLPVLNHKTYIDLIFPDCLAPRVMLEPAAETIPQTQEIISVTLQVLS
LLPPYRQSISVLAGSTVEDVLKKAHELGGFTYETQASLSGPYLTSVMGKAAGEREFWQLLRDPNTPLLQGIADYRPKDGE
TIELRLVSW
;
A,B
2 'polypeptide(L)'
;GSCPPTKFQCRTSGLCVPLTWRCDRDLDCSDGSDEEECRIEPCTQKGQCPPPPGLPCPCTGVSDCSGGTDKKLRNCSRLA
CLAGELRCTLSDDCIPLTWRCDGHPDCPDSSDELGCGTNEILPEGDATTMGPPVTLESVTSLRNATT
;
C,D
3 'polypeptide(L)'
;QVQLVESGGGLVQAGESLRLSCAASGRTFAMAWFRQAPGKEREFVAVRGWLGVTTYYADSVKGRFTISRDNAKNTLDLQM
NSLKPEDTAVYYCAAGQYSSSLYDRETEYNYWGQGTRVTVSSHHHHHHEPEA
;
E
#
loop_
_chem_comp.id
_chem_comp.type
_chem_comp.name
_chem_comp.formula
CA non-polymer 'CALCIUM ION' 'Ca 2'
CNC non-polymer CYANOCOBALAMIN 'C63 H89 Co N14 O14 P 2'
#
# COMPACT_ATOMS: atom_id res chain seq x y z
N GLU A 1 -14.70 17.38 -11.35
CA GLU A 1 -15.40 17.78 -10.13
C GLU A 1 -15.33 16.68 -9.06
N MET A 2 -15.53 17.06 -7.81
CA MET A 2 -15.50 16.11 -6.69
C MET A 2 -16.90 15.83 -6.14
N CYS A 3 -17.07 14.64 -5.56
CA CYS A 3 -18.34 14.32 -4.90
C CYS A 3 -18.30 14.78 -3.45
N GLU A 4 -18.98 15.89 -3.16
CA GLU A 4 -19.03 16.46 -1.82
C GLU A 4 -20.45 16.48 -1.24
N ILE A 5 -20.57 15.99 -0.01
CA ILE A 5 -21.83 16.06 0.71
C ILE A 5 -21.67 16.96 1.92
N PRO A 6 -22.05 18.24 1.78
CA PRO A 6 -21.98 19.21 2.88
C PRO A 6 -22.65 18.68 4.15
N GLU A 7 -22.08 19.02 5.30
CA GLU A 7 -22.55 18.49 6.59
C GLU A 7 -24.04 18.70 6.80
N MET A 8 -24.72 17.67 7.29
CA MET A 8 -26.14 17.79 7.62
C MET A 8 -26.31 18.21 9.07
N ASP A 9 -27.55 18.46 9.49
CA ASP A 9 -27.83 18.91 10.86
C ASP A 9 -27.38 17.85 11.86
N SER A 10 -26.67 18.31 12.90
CA SER A 10 -26.14 17.42 13.92
C SER A 10 -27.26 16.67 14.64
N HIS A 11 -28.41 17.33 14.82
CA HIS A 11 -29.54 16.68 15.45
C HIS A 11 -29.96 15.49 14.61
N LEU A 12 -30.15 15.72 13.31
CA LEU A 12 -30.53 14.66 12.39
C LEU A 12 -29.54 13.49 12.38
N VAL A 13 -28.25 13.79 12.46
CA VAL A 13 -27.24 12.74 12.49
C VAL A 13 -27.31 11.95 13.80
N GLU A 14 -27.49 12.70 14.90
CA GLU A 14 -27.58 12.11 16.23
C GLU A 14 -28.70 11.08 16.32
N LYS A 15 -29.87 11.39 15.74
CA LYS A 15 -31.01 10.47 15.82
C LYS A 15 -30.79 9.23 15.00
N LEU A 16 -30.00 9.33 13.94
CA LEU A 16 -29.57 8.13 13.20
C LEU A 16 -28.71 7.25 14.10
N GLY A 17 -27.73 7.85 14.77
CA GLY A 17 -26.88 7.09 15.67
C GLY A 17 -27.64 6.43 16.81
N GLN A 18 -28.66 7.12 17.31
CA GLN A 18 -29.47 6.57 18.40
C GLN A 18 -30.21 5.30 17.99
N HIS A 19 -30.48 5.15 16.69
CA HIS A 19 -31.04 3.90 16.19
C HIS A 19 -30.05 2.74 16.29
N LEU A 20 -28.76 3.05 16.17
CA LEU A 20 -27.72 2.03 16.26
C LEU A 20 -27.45 1.62 17.69
N LEU A 21 -27.63 2.58 18.60
CA LEU A 21 -27.22 2.43 19.97
C LEU A 21 -27.73 1.17 20.70
N PRO A 22 -29.03 0.82 20.56
CA PRO A 22 -29.49 -0.39 21.28
C PRO A 22 -28.73 -1.65 20.87
N TRP A 23 -28.22 -1.69 19.64
CA TRP A 23 -27.51 -2.86 19.15
C TRP A 23 -26.16 -3.03 19.83
N MET A 24 -25.64 -1.96 20.44
CA MET A 24 -24.38 -2.04 21.16
C MET A 24 -24.43 -2.99 22.36
N ASP A 25 -25.63 -3.25 22.86
CA ASP A 25 -25.80 -4.14 24.01
C ASP A 25 -26.27 -5.53 23.61
N ARG A 26 -26.47 -5.74 22.32
CA ARG A 26 -26.89 -7.06 21.84
C ARG A 26 -25.68 -7.81 21.30
N LEU A 27 -25.05 -8.58 22.18
CA LEU A 27 -23.76 -9.20 21.91
C LEU A 27 -23.83 -10.69 21.57
N SER A 28 -25.04 -11.23 21.49
CA SER A 28 -25.21 -12.62 21.08
C SER A 28 -24.77 -12.75 19.62
N LEU A 29 -24.21 -13.90 19.27
CA LEU A 29 -23.61 -14.07 17.96
C LEU A 29 -24.62 -13.90 16.82
N GLU A 30 -25.89 -14.15 17.09
CA GLU A 30 -26.92 -13.99 16.08
C GLU A 30 -27.16 -12.51 15.79
N HIS A 31 -26.78 -11.66 16.74
CA HIS A 31 -27.01 -10.23 16.60
C HIS A 31 -25.71 -9.42 16.36
N LEU A 32 -24.57 -10.01 16.67
CA LEU A 32 -23.28 -9.33 16.45
C LEU A 32 -23.16 -8.89 15.01
N ASN A 33 -22.77 -7.63 14.81
CA ASN A 33 -22.76 -7.04 13.49
C ASN A 33 -21.53 -6.17 13.26
N PRO A 34 -20.52 -6.72 12.57
CA PRO A 34 -19.28 -5.97 12.30
C PRO A 34 -19.52 -4.72 11.49
N SER A 35 -20.57 -4.70 10.67
CA SER A 35 -20.85 -3.49 9.88
C SER A 35 -21.31 -2.33 10.76
N ILE A 36 -22.02 -2.64 11.85
CA ILE A 36 -22.46 -1.60 12.79
C ILE A 36 -21.25 -0.95 13.48
N TYR A 37 -20.30 -1.77 13.91
CA TYR A 37 -19.07 -1.29 14.55
C TYR A 37 -18.28 -0.37 13.61
N VAL A 38 -18.09 -0.83 12.38
CA VAL A 38 -17.37 -0.06 11.37
C VAL A 38 -18.04 1.26 11.08
N GLY A 39 -19.36 1.23 10.86
CA GLY A 39 -20.11 2.43 10.57
C GLY A 39 -20.00 3.46 11.68
N LEU A 40 -20.02 2.99 12.92
CA LEU A 40 -19.94 3.88 14.06
C LEU A 40 -18.52 4.49 14.21
N ARG A 41 -17.49 3.67 14.01
CA ARG A 41 -16.11 4.18 14.15
C ARG A 41 -15.79 5.21 13.07
N LEU A 42 -16.41 5.06 11.90
CA LEU A 42 -16.17 6.00 10.80
C LEU A 42 -17.07 7.23 10.89
N SER A 43 -17.98 7.24 11.86
CA SER A 43 -18.94 8.33 12.00
C SER A 43 -18.39 9.43 12.90
N SER A 44 -19.19 10.48 13.11
CA SER A 44 -18.85 11.54 14.06
C SER A 44 -19.39 11.20 15.44
N LEU A 45 -19.95 10.00 15.59
CA LEU A 45 -20.59 9.58 16.83
C LEU A 45 -19.86 8.41 17.46
N GLN A 46 -20.01 8.25 18.77
CA GLN A 46 -19.36 7.15 19.47
C GLN A 46 -20.24 6.60 20.59
N ALA A 47 -19.99 5.37 21.00
CA ALA A 47 -20.72 4.73 22.10
C ALA A 47 -19.81 4.46 23.30
N GLY A 48 -18.64 5.10 23.31
CA GLY A 48 -17.72 5.02 24.43
C GLY A 48 -17.23 3.62 24.71
N THR A 49 -17.24 3.24 25.99
CA THR A 49 -16.73 1.93 26.41
C THR A 49 -17.51 0.76 25.82
N LYS A 50 -18.77 0.99 25.43
CA LYS A 50 -19.56 -0.07 24.81
C LYS A 50 -18.90 -0.61 23.54
N GLU A 51 -18.14 0.24 22.86
CA GLU A 51 -17.49 -0.13 21.61
C GLU A 51 -16.43 -1.21 21.85
N ASP A 52 -15.64 -1.02 22.89
CA ASP A 52 -14.57 -1.94 23.22
C ASP A 52 -15.11 -3.33 23.54
N LEU A 53 -16.20 -3.39 24.28
CA LEU A 53 -16.86 -4.65 24.58
C LEU A 53 -17.41 -5.30 23.31
N TYR A 54 -17.92 -4.47 22.42
CA TYR A 54 -18.48 -4.94 21.16
C TYR A 54 -17.40 -5.59 20.30
N LEU A 55 -16.24 -4.95 20.22
CA LEU A 55 -15.15 -5.49 19.42
C LEU A 55 -14.63 -6.77 20.05
N HIS A 56 -14.53 -6.77 21.38
CA HIS A 56 -14.14 -7.98 22.10
C HIS A 56 -15.07 -9.16 21.80
N SER A 57 -16.37 -8.89 21.78
CA SER A 57 -17.36 -9.93 21.46
C SER A 57 -17.18 -10.43 20.02
N LEU A 58 -16.90 -9.51 19.11
CA LEU A 58 -16.65 -9.86 17.71
C LEU A 58 -15.45 -10.80 17.60
N LYS A 59 -14.36 -10.44 18.27
CA LYS A 59 -13.14 -11.23 18.25
C LYS A 59 -13.36 -12.62 18.87
N LEU A 60 -14.11 -12.68 19.97
CA LEU A 60 -14.40 -13.97 20.61
C LEU A 60 -15.21 -14.85 19.67
N GLY A 61 -16.32 -14.32 19.18
CA GLY A 61 -17.23 -15.07 18.34
C GLY A 61 -16.60 -15.54 17.05
N TYR A 62 -16.03 -14.61 16.28
CA TYR A 62 -15.52 -14.95 14.96
C TYR A 62 -14.32 -15.90 15.02
N GLN A 63 -13.44 -15.71 15.98
CA GLN A 63 -12.25 -16.54 16.06
C GLN A 63 -12.53 -17.93 16.62
N GLN A 64 -13.44 -18.03 17.59
CA GLN A 64 -13.79 -19.33 18.15
C GLN A 64 -14.61 -20.16 17.18
N CYS A 65 -15.57 -19.50 16.53
CA CYS A 65 -16.49 -20.21 15.63
C CYS A 65 -15.81 -20.71 14.36
N LEU A 66 -14.87 -19.94 13.83
CA LEU A 66 -14.30 -20.26 12.53
C LEU A 66 -13.02 -21.08 12.66
N LEU A 67 -12.44 -21.10 13.86
CA LEU A 67 -11.17 -21.81 14.06
C LEU A 67 -11.31 -22.98 15.03
N GLY A 68 -12.28 -22.91 15.92
CA GLY A 68 -12.47 -23.93 16.94
C GLY A 68 -13.50 -24.97 16.53
N CYS A 78 -20.57 -22.74 18.95
CA CYS A 78 -21.15 -21.73 18.06
C CYS A 78 -22.51 -22.16 17.53
N GLN A 79 -23.45 -21.24 17.53
CA GLN A 79 -24.75 -21.51 16.93
C GLN A 79 -24.86 -20.69 15.65
N GLY A 80 -24.81 -21.37 14.52
CA GLY A 80 -24.87 -20.70 13.23
C GLY A 80 -23.73 -19.71 13.06
N LYS A 81 -22.50 -20.23 13.02
CA LYS A 81 -21.29 -19.40 12.98
C LYS A 81 -21.29 -18.46 11.78
N PRO A 82 -20.39 -17.46 11.76
CA PRO A 82 -20.49 -16.46 10.69
C PRO A 82 -20.06 -16.96 9.30
N SER A 83 -20.59 -16.32 8.28
CA SER A 83 -20.20 -16.59 6.89
C SER A 83 -18.85 -15.94 6.55
N MET A 84 -18.33 -16.31 5.39
CA MET A 84 -17.10 -15.73 4.89
C MET A 84 -17.30 -14.25 4.54
N GLY A 85 -18.47 -13.89 4.03
CA GLY A 85 -18.76 -12.50 3.73
C GLY A 85 -18.74 -11.68 5.02
N GLN A 86 -19.29 -12.26 6.08
CA GLN A 86 -19.32 -11.60 7.38
C GLN A 86 -17.92 -11.51 7.97
N LEU A 87 -17.09 -12.51 7.69
CA LEU A 87 -15.69 -12.51 8.10
C LEU A 87 -14.96 -11.33 7.46
N ALA A 88 -15.29 -11.04 6.20
CA ALA A 88 -14.74 -9.89 5.51
C ALA A 88 -15.07 -8.60 6.24
N LEU A 89 -16.32 -8.44 6.68
CA LEU A 89 -16.71 -7.24 7.40
C LEU A 89 -16.05 -7.19 8.78
N TYR A 90 -15.84 -8.36 9.37
CA TYR A 90 -15.08 -8.40 10.63
C TYR A 90 -13.65 -7.87 10.42
N LEU A 91 -13.09 -8.13 9.25
CA LEU A 91 -11.76 -7.60 8.92
C LEU A 91 -11.80 -6.07 8.83
N LEU A 92 -12.88 -5.53 8.28
CA LEU A 92 -13.04 -4.08 8.25
C LEU A 92 -13.12 -3.51 9.66
N ALA A 93 -13.77 -4.26 10.55
CA ALA A 93 -13.91 -3.86 11.95
C ALA A 93 -12.55 -3.76 12.63
N LEU A 94 -11.65 -4.67 12.28
CA LEU A 94 -10.29 -4.61 12.84
C LEU A 94 -9.57 -3.34 12.39
N ARG A 95 -9.70 -2.98 11.12
CA ARG A 95 -9.10 -1.76 10.59
C ARG A 95 -9.67 -0.52 11.28
N ALA A 96 -10.96 -0.59 11.61
CA ALA A 96 -11.65 0.51 12.27
C ALA A 96 -11.11 0.76 13.67
N ASN A 97 -10.41 -0.24 14.21
CA ASN A 97 -9.73 -0.08 15.48
C ASN A 97 -8.21 0.03 15.30
N CYS A 98 -7.76 0.35 14.09
CA CYS A 98 -6.33 0.47 13.77
C CYS A 98 -5.55 -0.79 14.10
N GLU A 99 -6.13 -1.94 13.75
CA GLU A 99 -5.47 -3.23 13.92
C GLU A 99 -5.27 -3.89 12.56
N PHE A 100 -4.16 -4.60 12.42
CA PHE A 100 -4.00 -5.52 11.30
C PHE A 100 -4.27 -6.91 11.81
N VAL A 101 -4.94 -7.72 11.00
CA VAL A 101 -5.20 -9.10 11.36
C VAL A 101 -3.84 -9.81 11.49
N ARG A 102 -3.64 -10.50 12.62
CA ARG A 102 -2.29 -10.96 12.97
C ARG A 102 -2.31 -12.17 13.87
N GLY A 103 -1.13 -12.73 14.11
CA GLY A 103 -0.99 -13.94 14.90
C GLY A 103 -1.38 -15.18 14.10
N HIS A 104 -1.26 -16.34 14.72
CA HIS A 104 -1.63 -17.59 14.06
C HIS A 104 -3.12 -17.66 13.78
N LYS A 105 -3.92 -17.19 14.74
CA LYS A 105 -5.38 -17.17 14.54
C LYS A 105 -5.74 -16.22 13.42
N GLY A 106 -5.10 -15.06 13.38
CA GLY A 106 -5.33 -14.10 12.32
C GLY A 106 -4.94 -14.61 10.93
N ASP A 107 -3.74 -15.20 10.84
CA ASP A 107 -3.27 -15.75 9.56
C ASP A 107 -4.24 -16.77 8.99
N ARG A 108 -4.78 -17.62 9.85
CA ARG A 108 -5.71 -18.67 9.42
C ARG A 108 -7.02 -18.07 8.91
N LEU A 109 -7.47 -16.99 9.55
CA LEU A 109 -8.70 -16.34 9.11
C LEU A 109 -8.52 -15.76 7.72
N VAL A 110 -7.34 -15.17 7.48
CA VAL A 110 -7.00 -14.62 6.18
C VAL A 110 -7.07 -15.68 5.10
N SER A 111 -6.49 -16.84 5.37
CA SER A 111 -6.44 -17.90 4.37
C SER A 111 -7.82 -18.48 4.11
N GLN A 112 -8.69 -18.45 5.13
CA GLN A 112 -10.06 -18.91 4.96
C GLN A 112 -10.80 -17.97 4.01
N LEU A 113 -10.58 -16.67 4.15
CA LEU A 113 -11.19 -15.69 3.26
C LEU A 113 -10.63 -15.83 1.85
N LYS A 114 -9.32 -16.09 1.75
CA LYS A 114 -8.69 -16.34 0.46
C LYS A 114 -9.26 -17.60 -0.21
N TRP A 115 -9.55 -18.63 0.59
CA TRP A 115 -10.20 -19.84 0.07
C TRP A 115 -11.60 -19.55 -0.44
N PHE A 116 -12.32 -18.67 0.26
CA PHE A 116 -13.65 -18.26 -0.19
C PHE A 116 -13.57 -17.66 -1.60
N LEU A 117 -12.61 -16.76 -1.80
CA LEU A 117 -12.45 -16.12 -3.09
C LEU A 117 -12.02 -17.11 -4.17
N GLU A 118 -11.14 -18.03 -3.80
CA GLU A 118 -10.67 -19.04 -4.74
C GLU A 118 -11.80 -19.96 -5.18
N ASP A 119 -12.68 -20.32 -4.25
CA ASP A 119 -13.82 -21.18 -4.56
C ASP A 119 -14.83 -20.46 -5.46
N GLU A 120 -15.07 -19.18 -5.19
CA GLU A 120 -15.94 -18.39 -6.03
C GLU A 120 -15.34 -18.21 -7.41
N LYS A 121 -14.02 -18.03 -7.49
CA LYS A 121 -13.35 -17.94 -8.78
C LYS A 121 -13.58 -19.23 -9.59
N ARG A 122 -13.43 -20.36 -8.93
CA ARG A 122 -13.63 -21.66 -9.58
C ARG A 122 -15.09 -21.83 -10.01
N ALA A 123 -16.00 -21.39 -9.17
CA ALA A 123 -17.44 -21.51 -9.48
C ALA A 123 -17.80 -20.67 -10.69
N ILE A 124 -17.24 -19.46 -10.76
CA ILE A 124 -17.47 -18.56 -11.89
C ILE A 124 -16.94 -19.19 -13.18
N GLY A 125 -15.74 -19.78 -13.11
CA GLY A 125 -15.19 -20.51 -14.25
C GLY A 125 -14.29 -19.69 -15.15
N HIS A 126 -13.49 -20.37 -15.96
CA HIS A 126 -12.61 -19.70 -16.91
C HIS A 126 -13.44 -19.02 -18.00
N ASP A 127 -14.68 -19.47 -18.18
CA ASP A 127 -15.57 -18.91 -19.19
C ASP A 127 -16.34 -17.67 -18.72
N HIS A 128 -16.50 -17.53 -17.41
CA HIS A 128 -17.29 -16.49 -16.75
C HIS A 128 -18.82 -16.68 -16.90
N LYS A 129 -19.30 -17.88 -17.25
CA LYS A 129 -20.75 -18.12 -17.23
C LYS A 129 -21.32 -18.45 -15.85
N GLY A 130 -20.64 -19.35 -15.14
CA GLY A 130 -21.10 -19.77 -13.82
C GLY A 130 -21.25 -18.58 -12.87
N HIS A 131 -22.23 -18.65 -11.98
CA HIS A 131 -22.42 -17.60 -10.99
C HIS A 131 -21.52 -17.90 -9.80
N PRO A 132 -21.22 -16.87 -9.00
CA PRO A 132 -20.63 -17.21 -7.70
C PRO A 132 -21.72 -17.85 -6.83
N HIS A 133 -21.34 -18.64 -5.84
CA HIS A 133 -22.32 -19.28 -4.96
C HIS A 133 -23.01 -18.26 -4.08
N THR A 134 -22.30 -17.17 -3.82
CA THR A 134 -22.88 -15.99 -3.19
C THR A 134 -22.84 -14.96 -4.31
N SER A 135 -22.81 -13.68 -4.00
CA SER A 135 -22.88 -12.63 -5.01
C SER A 135 -21.55 -12.00 -5.43
N TYR A 136 -21.58 -11.21 -6.49
CA TYR A 136 -20.42 -10.43 -6.84
C TYR A 136 -20.19 -9.32 -5.80
N TYR A 137 -21.24 -8.97 -5.06
CA TYR A 137 -21.08 -8.02 -3.96
C TYR A 137 -20.12 -8.57 -2.91
N GLN A 138 -20.35 -9.81 -2.50
CA GLN A 138 -19.48 -10.45 -1.52
C GLN A 138 -18.09 -10.74 -2.08
N TYR A 139 -18.01 -11.02 -3.38
CA TYR A 139 -16.74 -11.22 -4.04
C TYR A 139 -15.89 -9.94 -3.94
N GLY A 140 -16.50 -8.80 -4.27
CA GLY A 140 -15.81 -7.51 -4.15
C GLY A 140 -15.47 -7.19 -2.70
N LEU A 141 -16.41 -7.41 -1.80
CA LEU A 141 -16.20 -7.17 -0.38
C LEU A 141 -15.01 -7.98 0.14
N GLY A 142 -14.88 -9.22 -0.30
CA GLY A 142 -13.76 -10.05 0.14
C GLY A 142 -12.41 -9.54 -0.33
N ILE A 143 -12.36 -9.09 -1.58
CA ILE A 143 -11.13 -8.52 -2.13
C ILE A 143 -10.76 -7.24 -1.39
N LEU A 144 -11.75 -6.40 -1.14
CA LEU A 144 -11.54 -5.16 -0.39
C LEU A 144 -10.98 -5.45 1.00
N ALA A 145 -11.64 -6.35 1.74
CA ALA A 145 -11.25 -6.69 3.10
C ALA A 145 -9.79 -7.15 3.17
N LEU A 146 -9.38 -8.01 2.24
CA LEU A 146 -8.01 -8.49 2.20
C LEU A 146 -7.03 -7.36 1.87
N CYS A 147 -7.42 -6.53 0.90
CA CYS A 147 -6.59 -5.42 0.48
C CYS A 147 -6.36 -4.42 1.64
N LEU A 148 -7.40 -4.19 2.44
CA LEU A 148 -7.30 -3.24 3.56
C LEU A 148 -6.27 -3.68 4.59
N HIS A 149 -6.05 -5.00 4.66
CA HIS A 149 -5.06 -5.56 5.55
C HIS A 149 -3.76 -5.84 4.83
N GLN A 150 -3.62 -5.27 3.64
CA GLN A 150 -2.44 -5.43 2.79
C GLN A 150 -2.15 -6.89 2.45
N LYS A 151 -3.21 -7.68 2.31
CA LYS A 151 -3.10 -9.06 1.85
C LYS A 151 -3.42 -9.14 0.36
N ARG A 152 -2.56 -9.79 -0.41
CA ARG A 152 -2.71 -9.79 -1.86
C ARG A 152 -3.51 -10.98 -2.38
N VAL A 153 -4.28 -10.74 -3.45
CA VAL A 153 -4.96 -11.83 -4.18
C VAL A 153 -4.40 -11.89 -5.59
N HIS A 154 -4.47 -13.06 -6.20
CA HIS A 154 -3.89 -13.25 -7.52
C HIS A 154 -4.67 -12.46 -8.59
N ASP A 155 -3.99 -12.13 -9.70
CA ASP A 155 -4.63 -11.46 -10.83
C ASP A 155 -5.86 -12.22 -11.35
N SER A 156 -5.78 -13.54 -11.33
CA SER A 156 -6.90 -14.37 -11.79
C SER A 156 -8.15 -14.14 -10.92
N VAL A 157 -7.94 -13.80 -9.64
CA VAL A 157 -9.07 -13.52 -8.75
C VAL A 157 -9.70 -12.16 -9.10
N VAL A 158 -8.83 -11.16 -9.24
CA VAL A 158 -9.26 -9.82 -9.62
C VAL A 158 -9.95 -9.83 -10.99
N ASP A 159 -9.45 -10.65 -11.90
CA ASP A 159 -10.01 -10.74 -13.26
C ASP A 159 -11.52 -11.01 -13.29
N LYS A 160 -12.02 -11.80 -12.37
CA LYS A 160 -13.45 -12.11 -12.36
C LYS A 160 -14.27 -10.87 -12.03
N LEU A 161 -13.74 -10.03 -11.14
CA LEU A 161 -14.46 -8.80 -10.81
C LEU A 161 -14.36 -7.82 -11.97
N LEU A 162 -13.19 -7.75 -12.60
CA LEU A 162 -12.98 -6.87 -13.75
C LEU A 162 -13.95 -7.24 -14.88
N TYR A 163 -14.03 -8.52 -15.24
CA TYR A 163 -14.91 -8.97 -16.32
C TYR A 163 -16.38 -8.68 -16.01
N ALA A 164 -16.75 -8.74 -14.74
CA ALA A 164 -18.12 -8.52 -14.33
C ALA A 164 -18.60 -7.09 -14.58
N VAL A 165 -17.67 -6.13 -14.60
CA VAL A 165 -18.04 -4.74 -14.80
C VAL A 165 -17.61 -4.18 -16.15
N GLU A 166 -16.65 -4.84 -16.78
CA GLU A 166 -16.08 -4.36 -18.03
C GLU A 166 -17.07 -4.45 -19.20
N PRO A 167 -16.81 -3.72 -20.30
CA PRO A 167 -17.69 -3.75 -21.48
C PRO A 167 -18.07 -5.16 -21.95
N PHE A 168 -19.32 -5.32 -22.39
CA PHE A 168 -19.83 -6.60 -22.88
C PHE A 168 -19.86 -7.68 -21.81
N HIS A 169 -19.95 -7.27 -20.55
CA HIS A 169 -20.06 -8.22 -19.45
C HIS A 169 -21.42 -8.90 -19.49
N GLN A 170 -21.48 -10.13 -18.99
CA GLN A 170 -22.73 -10.86 -18.92
C GLN A 170 -23.40 -10.52 -17.60
N GLY A 171 -24.73 -10.58 -17.58
CA GLY A 171 -25.49 -10.27 -16.39
C GLY A 171 -25.71 -8.78 -16.15
N HIS A 172 -26.52 -8.49 -15.14
CA HIS A 172 -26.78 -7.13 -14.71
C HIS A 172 -26.52 -6.98 -13.22
N HIS A 173 -25.74 -5.99 -12.83
CA HIS A 173 -25.40 -5.79 -11.43
C HIS A 173 -26.07 -4.54 -10.88
N SER A 174 -26.47 -4.60 -9.62
CA SER A 174 -27.07 -3.44 -8.96
C SER A 174 -26.05 -2.34 -8.74
N VAL A 175 -26.54 -1.15 -8.37
CA VAL A 175 -25.69 -0.06 -7.97
C VAL A 175 -24.82 -0.44 -6.76
N ASP A 176 -25.42 -1.15 -5.80
CA ASP A 176 -24.72 -1.59 -4.59
C ASP A 176 -23.52 -2.44 -4.96
N THR A 177 -23.73 -3.39 -5.85
CA THR A 177 -22.68 -4.31 -6.27
C THR A 177 -21.57 -3.58 -7.00
N ALA A 178 -21.94 -2.68 -7.91
CA ALA A 178 -20.95 -1.91 -8.65
C ALA A 178 -20.14 -1.02 -7.70
N ALA A 179 -20.81 -0.43 -6.72
CA ALA A 179 -20.15 0.45 -5.75
C ALA A 179 -19.14 -0.34 -4.93
N MET A 180 -19.55 -1.53 -4.47
CA MET A 180 -18.64 -2.37 -3.68
C MET A 180 -17.43 -2.81 -4.53
N ALA A 181 -17.67 -3.12 -5.80
CA ALA A 181 -16.58 -3.45 -6.72
C ALA A 181 -15.62 -2.27 -6.88
N GLY A 182 -16.19 -1.08 -7.06
CA GLY A 182 -15.40 0.12 -7.20
C GLY A 182 -14.55 0.39 -5.99
N LEU A 183 -15.08 0.10 -4.80
CA LEU A 183 -14.33 0.28 -3.57
C LEU A 183 -13.13 -0.67 -3.52
N ALA A 184 -13.38 -1.92 -3.92
CA ALA A 184 -12.33 -2.93 -3.99
C ALA A 184 -11.24 -2.50 -4.98
N PHE A 185 -11.63 -2.08 -6.18
CA PHE A 185 -10.69 -1.59 -7.20
C PHE A 185 -9.86 -0.39 -6.69
N THR A 186 -10.52 0.51 -5.97
CA THR A 186 -9.86 1.68 -5.44
C THR A 186 -8.80 1.27 -4.41
N CYS A 187 -9.12 0.31 -3.55
CA CYS A 187 -8.11 -0.11 -2.57
C CYS A 187 -6.92 -0.74 -3.27
N LEU A 188 -7.16 -1.57 -4.29
CA LEU A 188 -6.07 -2.17 -5.06
C LEU A 188 -5.19 -1.09 -5.71
N LYS A 189 -5.83 -0.08 -6.27
CA LYS A 189 -5.10 0.97 -6.96
C LYS A 189 -4.28 1.81 -5.98
N ARG A 190 -4.88 2.20 -4.86
CA ARG A 190 -4.16 3.00 -3.87
C ARG A 190 -3.03 2.22 -3.21
N SER A 191 -3.17 0.90 -3.13
CA SER A 191 -2.15 0.07 -2.50
C SER A 191 -1.08 -0.38 -3.50
N ASN A 192 -1.27 -0.01 -4.77
CA ASN A 192 -0.43 -0.48 -5.88
C ASN A 192 -0.35 -2.00 -5.93
N PHE A 193 -1.47 -2.65 -5.64
CA PHE A 193 -1.58 -4.11 -5.73
C PHE A 193 -1.95 -4.50 -7.16
N ASN A 194 -1.70 -5.76 -7.51
CA ASN A 194 -1.97 -6.27 -8.86
C ASN A 194 -1.49 -5.32 -9.98
N PRO A 195 -0.19 -5.01 -10.01
CA PRO A 195 0.33 -4.08 -11.02
C PRO A 195 0.15 -4.59 -12.46
N GLY A 196 -0.03 -5.91 -12.62
CA GLY A 196 -0.23 -6.47 -13.94
C GLY A 196 -1.68 -6.29 -14.41
N ARG A 197 -2.52 -5.71 -13.55
CA ARG A 197 -3.88 -5.33 -13.93
C ARG A 197 -4.14 -3.84 -13.72
N ARG A 198 -3.07 -3.07 -13.53
CA ARG A 198 -3.24 -1.68 -13.10
C ARG A 198 -4.09 -0.83 -14.05
N GLN A 199 -3.83 -0.90 -15.35
CA GLN A 199 -4.62 -0.12 -16.31
C GLN A 199 -6.09 -0.54 -16.34
N ARG A 200 -6.33 -1.86 -16.30
CA ARG A 200 -7.71 -2.34 -16.29
C ARG A 200 -8.42 -1.94 -15.00
N ILE A 201 -7.70 -1.99 -13.87
CA ILE A 201 -8.29 -1.58 -12.60
C ILE A 201 -8.66 -0.09 -12.66
N THR A 202 -7.77 0.73 -13.23
CA THR A 202 -8.02 2.15 -13.40
C THR A 202 -9.25 2.41 -14.27
N MET A 203 -9.32 1.71 -15.39
CA MET A 203 -10.45 1.81 -16.31
C MET A 203 -11.76 1.31 -15.68
N ALA A 204 -11.68 0.28 -14.85
CA ALA A 204 -12.87 -0.28 -14.21
C ALA A 204 -13.49 0.70 -13.22
N ILE A 205 -12.64 1.44 -12.52
CA ILE A 205 -13.10 2.47 -11.59
C ILE A 205 -13.92 3.54 -12.31
N ARG A 206 -13.41 4.02 -13.44
CA ARG A 206 -14.13 4.98 -14.28
C ARG A 206 -15.44 4.38 -14.81
N THR A 207 -15.40 3.11 -15.21
CA THR A 207 -16.61 2.43 -15.70
C THR A 207 -17.70 2.42 -14.62
N VAL A 208 -17.32 2.04 -13.40
CA VAL A 208 -18.25 2.02 -12.29
C VAL A 208 -18.80 3.43 -12.00
N GLN A 209 -17.93 4.44 -12.03
CA GLN A 209 -18.36 5.82 -11.87
C GLN A 209 -19.48 6.19 -12.85
N GLU A 210 -19.22 5.94 -14.14
CA GLU A 210 -20.19 6.28 -15.18
C GLU A 210 -21.51 5.52 -15.03
N GLU A 211 -21.44 4.25 -14.69
CA GLU A 211 -22.67 3.46 -14.60
C GLU A 211 -23.49 3.92 -13.40
N ILE A 212 -22.82 4.29 -12.31
CA ILE A 212 -23.54 4.76 -11.13
C ILE A 212 -24.17 6.13 -11.41
N LEU A 213 -23.46 7.02 -12.07
CA LEU A 213 -24.06 8.31 -12.43
C LEU A 213 -25.23 8.13 -13.39
N LYS A 214 -25.15 7.15 -14.28
CA LYS A 214 -26.23 6.95 -15.22
C LYS A 214 -27.42 6.25 -14.56
N ALA A 215 -27.24 5.77 -13.34
CA ALA A 215 -28.33 5.11 -12.61
C ALA A 215 -29.06 6.07 -11.67
N GLN A 216 -28.70 7.35 -11.71
CA GLN A 216 -29.33 8.35 -10.83
C GLN A 216 -30.78 8.64 -11.24
N THR A 217 -31.70 8.51 -10.29
CA THR A 217 -33.14 8.73 -10.54
C THR A 217 -33.46 10.22 -10.64
N PRO A 218 -34.65 10.56 -11.18
CA PRO A 218 -35.06 11.97 -11.19
C PRO A 218 -35.17 12.59 -9.79
N GLU A 219 -35.42 11.76 -8.77
CA GLU A 219 -35.47 12.25 -7.39
C GLU A 219 -34.08 12.62 -6.89
N GLY A 220 -33.06 11.90 -7.38
CA GLY A 220 -31.68 12.19 -7.02
C GLY A 220 -30.93 11.00 -6.46
N HIS A 221 -31.65 9.92 -6.14
CA HIS A 221 -31.00 8.73 -5.62
C HIS A 221 -30.24 7.99 -6.71
N PHE A 222 -29.21 7.26 -6.32
CA PHE A 222 -28.47 6.39 -7.22
C PHE A 222 -29.08 4.99 -7.15
N GLY A 223 -29.90 4.64 -8.14
CA GLY A 223 -30.60 3.36 -8.11
C GLY A 223 -31.85 3.48 -7.25
N ASN A 224 -31.66 3.39 -5.94
CA ASN A 224 -32.73 3.70 -4.98
C ASN A 224 -32.14 4.28 -3.68
N VAL A 225 -33.01 4.66 -2.75
CA VAL A 225 -32.58 5.36 -1.53
C VAL A 225 -31.54 4.59 -0.74
N TYR A 226 -31.60 3.25 -0.79
CA TYR A 226 -30.72 2.42 0.01
C TYR A 226 -29.43 2.01 -0.72
N SER A 227 -29.36 2.32 -2.01
CA SER A 227 -28.14 2.13 -2.77
C SER A 227 -27.26 3.39 -2.65
N THR A 228 -27.92 4.52 -2.46
CA THR A 228 -27.23 5.81 -2.41
C THR A 228 -26.06 5.90 -1.40
N PRO A 229 -26.21 5.35 -0.18
CA PRO A 229 -25.07 5.45 0.74
C PRO A 229 -23.78 4.83 0.23
N LEU A 230 -23.83 3.58 -0.21
CA LEU A 230 -22.64 2.91 -0.70
C LEU A 230 -22.17 3.55 -1.99
N ALA A 231 -23.10 3.99 -2.82
CA ALA A 231 -22.75 4.66 -4.07
C ALA A 231 -21.96 5.93 -3.78
N LEU A 232 -22.40 6.68 -2.77
CA LEU A 232 -21.72 7.90 -2.38
C LEU A 232 -20.34 7.60 -1.80
N GLN A 233 -20.24 6.57 -0.98
CA GLN A 233 -18.93 6.14 -0.47
C GLN A 233 -17.96 5.96 -1.62
N PHE A 234 -18.36 5.21 -2.66
CA PHE A 234 -17.46 5.01 -3.79
C PHE A 234 -17.15 6.30 -4.54
N LEU A 235 -18.17 7.11 -4.80
CA LEU A 235 -17.99 8.33 -5.60
C LEU A 235 -17.07 9.33 -4.89
N MET A 236 -17.05 9.27 -3.56
CA MET A 236 -16.25 10.20 -2.76
C MET A 236 -14.75 9.90 -2.82
N THR A 237 -14.38 8.72 -3.30
CA THR A 237 -13.00 8.28 -3.17
C THR A 237 -12.08 8.80 -4.27
N SER A 238 -12.64 9.21 -5.40
CA SER A 238 -11.83 9.73 -6.51
C SER A 238 -12.48 10.84 -7.28
N PRO A 239 -11.66 11.71 -7.88
CA PRO A 239 -12.19 12.70 -8.82
C PRO A 239 -12.76 12.02 -10.06
N MET A 240 -13.60 12.75 -10.78
CA MET A 240 -14.20 12.26 -12.01
C MET A 240 -14.19 13.41 -13.00
N ARG A 241 -13.07 13.54 -13.72
CA ARG A 241 -12.91 14.62 -14.69
C ARG A 241 -13.75 14.44 -15.93
N GLY A 242 -14.30 15.55 -16.42
CA GLY A 242 -15.18 15.54 -17.57
C GLY A 242 -16.64 15.49 -17.15
N ALA A 243 -16.90 14.76 -16.07
CA ALA A 243 -18.26 14.63 -15.55
C ALA A 243 -18.61 15.72 -14.56
N GLU A 244 -19.91 15.93 -14.35
CA GLU A 244 -20.37 16.84 -13.30
C GLU A 244 -20.73 16.02 -12.07
N LEU A 245 -19.70 15.55 -11.38
CA LEU A 245 -19.85 14.75 -10.19
C LEU A 245 -20.40 15.57 -9.02
N GLY A 246 -19.94 16.82 -8.92
CA GLY A 246 -20.40 17.71 -7.88
C GLY A 246 -21.89 17.93 -7.90
N THR A 247 -22.42 18.21 -9.08
CA THR A 247 -23.85 18.41 -9.26
C THR A 247 -24.65 17.15 -8.92
N ALA A 248 -24.16 16.01 -9.41
CA ALA A 248 -24.86 14.75 -9.19
C ALA A 248 -24.95 14.45 -7.70
N CYS A 249 -23.86 14.69 -6.99
CA CYS A 249 -23.81 14.40 -5.57
C CYS A 249 -24.66 15.37 -4.73
N LEU A 250 -24.73 16.64 -5.14
CA LEU A 250 -25.59 17.59 -4.45
C LEU A 250 -27.05 17.20 -4.62
N LYS A 251 -27.41 16.74 -5.82
CA LYS A 251 -28.76 16.28 -6.08
C LYS A 251 -29.09 15.06 -5.23
N ALA A 252 -28.08 14.22 -5.00
CA ALA A 252 -28.26 13.04 -4.16
C ALA A 252 -28.46 13.43 -2.70
N ARG A 253 -27.79 14.49 -2.26
CA ARG A 253 -27.94 14.98 -0.90
C ARG A 253 -29.36 15.46 -0.67
N VAL A 254 -29.88 16.19 -1.65
CA VAL A 254 -31.27 16.62 -1.60
C VAL A 254 -32.21 15.43 -1.44
N ALA A 255 -31.99 14.40 -2.25
CA ALA A 255 -32.80 13.19 -2.20
C ALA A 255 -32.62 12.49 -0.86
N LEU A 256 -31.38 12.46 -0.40
CA LEU A 256 -31.05 11.80 0.86
C LEU A 256 -31.72 12.52 2.04
N LEU A 257 -31.64 13.85 2.02
CA LEU A 257 -32.21 14.66 3.08
C LEU A 257 -33.73 14.45 3.19
N ALA A 258 -34.40 14.48 2.05
CA ALA A 258 -35.84 14.25 2.02
C ALA A 258 -36.19 12.89 2.59
N SER A 259 -35.43 11.87 2.18
CA SER A 259 -35.65 10.50 2.65
C SER A 259 -35.44 10.38 4.15
N LEU A 260 -34.39 11.02 4.66
CA LEU A 260 -34.11 11.02 6.09
C LEU A 260 -35.23 11.66 6.89
N GLN A 261 -35.72 12.81 6.43
CA GLN A 261 -36.77 13.54 7.13
C GLN A 261 -38.10 12.80 7.03
N ASP A 262 -38.17 11.82 6.14
CA ASP A 262 -39.37 11.02 5.98
C ASP A 262 -39.16 9.61 6.59
N GLY A 263 -38.16 9.48 7.43
CA GLY A 263 -37.96 8.26 8.20
C GLY A 263 -37.57 7.02 7.39
N ALA A 264 -36.87 7.22 6.27
CA ALA A 264 -36.48 6.09 5.43
C ALA A 264 -35.46 5.16 6.07
N PHE A 265 -34.60 5.68 6.95
CA PHE A 265 -33.49 4.87 7.45
C PHE A 265 -33.73 4.34 8.85
N GLN A 266 -34.29 3.13 8.93
CA GLN A 266 -34.59 2.50 10.22
C GLN A 266 -33.64 1.35 10.47
N ASN A 267 -33.30 0.65 9.39
CA ASN A 267 -32.46 -0.54 9.45
C ASN A 267 -31.01 -0.21 9.88
N ALA A 268 -30.50 -0.96 10.86
CA ALA A 268 -29.18 -0.69 11.43
C ALA A 268 -28.04 -0.81 10.41
N LEU A 269 -28.09 -1.84 9.55
CA LEU A 269 -27.04 -1.98 8.53
C LEU A 269 -27.02 -0.80 7.55
N MET A 270 -28.20 -0.37 7.10
CA MET A 270 -28.33 0.78 6.22
C MET A 270 -27.77 2.06 6.86
N ILE A 271 -28.08 2.25 8.14
CA ILE A 271 -27.55 3.40 8.88
C ILE A 271 -26.02 3.31 8.97
N SER A 272 -25.52 2.10 9.17
CA SER A 272 -24.08 1.88 9.31
C SER A 272 -23.36 2.17 7.98
N GLN A 273 -24.07 2.05 6.86
CA GLN A 273 -23.46 2.36 5.57
C GLN A 273 -23.56 3.84 5.25
N LEU A 274 -24.51 4.53 5.88
CA LEU A 274 -24.76 5.95 5.61
C LEU A 274 -23.93 6.88 6.53
N LEU A 275 -23.78 6.50 7.79
CA LEU A 275 -23.07 7.33 8.77
C LEU A 275 -21.66 7.75 8.35
N PRO A 276 -20.86 6.83 7.73
CA PRO A 276 -19.55 7.30 7.27
C PRO A 276 -19.66 8.45 6.27
N VAL A 277 -20.58 8.33 5.32
CA VAL A 277 -20.79 9.38 4.32
C VAL A 277 -21.06 10.73 4.98
N LEU A 278 -21.89 10.73 6.01
CA LEU A 278 -22.26 11.98 6.69
C LEU A 278 -21.10 12.56 7.50
N ASN A 279 -20.03 11.77 7.65
CA ASN A 279 -18.82 12.24 8.33
C ASN A 279 -17.68 12.40 7.32
N HIS A 280 -18.02 12.42 6.03
CA HIS A 280 -17.05 12.57 4.95
C HIS A 280 -16.02 11.43 4.93
N LYS A 281 -16.44 10.23 5.31
CA LYS A 281 -15.55 9.09 5.31
C LYS A 281 -16.16 7.92 4.56
N THR A 282 -15.29 7.02 4.12
CA THR A 282 -15.72 5.83 3.40
C THR A 282 -14.92 4.65 3.92
N TYR A 283 -15.23 3.45 3.42
CA TYR A 283 -14.45 2.27 3.77
C TYR A 283 -12.97 2.38 3.34
N ILE A 284 -12.68 3.23 2.36
CA ILE A 284 -11.31 3.42 1.89
C ILE A 284 -10.45 4.14 2.94
N ASP A 285 -11.11 4.86 3.85
CA ASP A 285 -10.39 5.49 4.96
C ASP A 285 -9.86 4.45 5.96
N LEU A 286 -10.14 3.17 5.71
CA LEU A 286 -9.64 2.09 6.57
C LEU A 286 -8.23 1.66 6.13
N ILE A 287 -7.73 2.23 5.05
CA ILE A 287 -6.33 2.02 4.70
C ILE A 287 -5.44 2.76 5.70
N PHE A 288 -5.72 4.05 5.91
CA PHE A 288 -5.02 4.83 6.93
C PHE A 288 -6.02 5.37 7.96
N PRO A 289 -6.48 4.50 8.86
CA PRO A 289 -7.53 4.90 9.82
C PRO A 289 -7.04 5.96 10.80
N ASP A 290 -7.95 6.84 11.21
CA ASP A 290 -7.71 7.85 12.24
C ASP A 290 -8.61 7.53 13.44
N CYS A 291 -8.11 6.69 14.33
CA CYS A 291 -8.95 6.11 15.38
C CYS A 291 -9.22 7.05 16.54
N LEU A 292 -8.40 8.08 16.68
CA LEU A 292 -8.50 8.99 17.82
C LEU A 292 -9.15 10.32 17.47
N ALA A 293 -9.67 10.44 16.26
CA ALA A 293 -10.45 11.61 15.89
C ALA A 293 -11.63 11.76 16.85
N PRO A 294 -11.89 12.98 17.32
CA PRO A 294 -12.97 13.18 18.30
C PRO A 294 -14.34 12.82 17.74
N ARG A 295 -15.16 12.19 18.57
CA ARG A 295 -16.52 11.81 18.18
C ARG A 295 -17.46 12.11 19.34
N VAL A 296 -18.68 12.52 19.01
CA VAL A 296 -19.65 12.89 20.04
C VAL A 296 -20.24 11.65 20.70
N MET A 297 -20.25 11.65 22.03
CA MET A 297 -20.82 10.54 22.78
C MET A 297 -22.33 10.43 22.57
N LEU A 298 -22.79 9.28 22.12
CA LEU A 298 -24.22 9.02 21.94
C LEU A 298 -24.86 8.66 23.27
N GLU A 299 -25.94 9.35 23.61
CA GLU A 299 -26.72 9.01 24.79
C GLU A 299 -28.04 8.42 24.34
N PRO A 300 -28.62 7.51 25.15
CA PRO A 300 -29.88 6.89 24.75
C PRO A 300 -30.97 7.93 24.55
N ALA A 301 -31.71 7.84 23.45
CA ALA A 301 -32.80 8.78 23.26
C ALA A 301 -33.86 8.53 24.32
N ALA A 302 -33.97 9.44 25.28
CA ALA A 302 -35.06 9.35 26.22
C ALA A 302 -36.27 9.51 25.34
N GLU A 303 -37.19 8.56 25.40
CA GLU A 303 -38.28 8.61 24.47
C GLU A 303 -39.43 7.71 24.81
N THR A 304 -40.62 8.30 24.98
CA THR A 304 -41.83 7.50 25.30
C THR A 304 -42.18 6.55 24.15
N ILE A 305 -43.00 5.54 24.46
CA ILE A 305 -43.38 4.54 23.41
C ILE A 305 -44.91 4.41 23.42
N PRO A 306 -45.66 5.39 22.87
CA PRO A 306 -47.10 5.29 22.94
C PRO A 306 -47.53 4.12 22.06
N GLN A 307 -48.38 3.26 22.59
CA GLN A 307 -48.96 2.18 21.74
C GLN A 307 -50.01 2.83 20.82
N THR A 308 -50.20 2.28 19.62
CA THR A 308 -51.30 2.78 18.77
C THR A 308 -52.63 2.26 19.31
N GLN A 309 -53.73 2.88 18.91
CA GLN A 309 -55.01 2.37 19.34
C GLN A 309 -55.75 1.80 18.13
N GLU A 310 -55.14 1.94 16.95
CA GLU A 310 -55.84 1.54 15.74
C GLU A 310 -55.45 0.17 15.22
N ILE A 311 -56.46 -0.54 14.73
CA ILE A 311 -56.31 -1.83 14.06
C ILE A 311 -56.29 -1.65 12.55
N ILE A 312 -55.35 -2.27 11.87
CA ILE A 312 -55.37 -2.28 10.41
C ILE A 312 -55.49 -3.71 9.89
N SER A 313 -55.97 -3.86 8.66
CA SER A 313 -56.02 -5.18 8.05
C SER A 313 -55.15 -5.19 6.79
N VAL A 314 -54.33 -6.22 6.69
CA VAL A 314 -53.43 -6.43 5.57
C VAL A 314 -53.72 -7.77 4.91
N THR A 315 -53.79 -7.79 3.58
CA THR A 315 -53.97 -9.04 2.86
C THR A 315 -52.60 -9.66 2.57
N LEU A 316 -52.40 -10.88 3.05
CA LEU A 316 -51.18 -11.61 2.76
C LEU A 316 -51.48 -12.65 1.68
N GLN A 317 -50.67 -12.69 0.62
CA GLN A 317 -50.91 -13.70 -0.41
C GLN A 317 -49.63 -14.34 -0.97
N VAL A 318 -49.75 -15.63 -1.28
CA VAL A 318 -48.67 -16.40 -1.87
C VAL A 318 -49.25 -17.17 -3.05
N LEU A 319 -48.85 -16.81 -4.26
CA LEU A 319 -49.39 -17.44 -5.46
C LEU A 319 -48.40 -18.44 -6.04
N SER A 320 -47.21 -18.49 -5.44
CA SER A 320 -46.15 -19.37 -5.90
C SER A 320 -46.37 -20.84 -5.51
N LEU A 321 -47.41 -21.12 -4.73
CA LEU A 321 -47.66 -22.48 -4.26
C LEU A 321 -49.09 -22.91 -4.55
N LEU A 322 -49.28 -24.21 -4.78
CA LEU A 322 -50.60 -24.80 -4.93
C LEU A 322 -50.90 -25.72 -3.76
N PRO A 323 -52.05 -25.51 -3.10
CA PRO A 323 -53.00 -24.43 -3.39
C PRO A 323 -52.50 -23.06 -2.91
N PRO A 324 -52.96 -21.99 -3.55
CA PRO A 324 -52.45 -20.66 -3.20
C PRO A 324 -52.99 -20.18 -1.86
N TYR A 325 -52.28 -19.23 -1.27
CA TYR A 325 -52.69 -18.67 0.01
C TYR A 325 -53.13 -17.23 -0.16
N ARG A 326 -54.27 -16.88 0.41
CA ARG A 326 -54.68 -15.48 0.41
C ARG A 326 -55.59 -15.20 1.59
N GLN A 327 -55.10 -14.43 2.57
CA GLN A 327 -55.90 -14.17 3.76
C GLN A 327 -55.78 -12.72 4.24
N SER A 328 -56.87 -12.16 4.74
CA SER A 328 -56.83 -10.85 5.36
C SER A 328 -56.42 -10.99 6.83
N ILE A 329 -55.38 -10.26 7.22
CA ILE A 329 -54.80 -10.36 8.55
C ILE A 329 -54.94 -9.04 9.30
N SER A 330 -55.52 -9.07 10.49
CA SER A 330 -55.63 -7.86 11.31
C SER A 330 -54.47 -7.72 12.30
N VAL A 331 -53.79 -6.57 12.26
CA VAL A 331 -52.73 -6.27 13.22
C VAL A 331 -52.85 -4.83 13.74
N LEU A 332 -52.11 -4.51 14.80
CA LEU A 332 -52.03 -3.13 15.28
C LEU A 332 -51.35 -2.27 14.24
N ALA A 333 -51.84 -1.05 14.05
CA ALA A 333 -51.17 -0.11 13.16
C ALA A 333 -49.71 0.10 13.58
N GLY A 334 -48.81 0.06 12.61
CA GLY A 334 -47.39 0.23 12.91
C GLY A 334 -46.66 -1.10 12.94
N SER A 335 -47.41 -2.20 12.81
CA SER A 335 -46.83 -3.53 12.76
C SER A 335 -46.02 -3.74 11.47
N THR A 336 -45.03 -4.61 11.53
CA THR A 336 -44.22 -4.94 10.37
C THR A 336 -44.83 -6.10 9.57
N VAL A 337 -44.27 -6.35 8.38
CA VAL A 337 -44.63 -7.51 7.59
C VAL A 337 -44.38 -8.77 8.42
N GLU A 338 -43.29 -8.78 9.19
CA GLU A 338 -43.01 -9.94 10.03
C GLU A 338 -44.14 -10.19 11.05
N ASP A 339 -44.72 -9.13 11.60
CA ASP A 339 -45.86 -9.25 12.51
C ASP A 339 -47.05 -9.88 11.77
N VAL A 340 -47.25 -9.47 10.52
CA VAL A 340 -48.32 -10.05 9.73
C VAL A 340 -48.08 -11.56 9.55
N LEU A 341 -46.84 -11.93 9.26
CA LEU A 341 -46.50 -13.34 9.07
C LEU A 341 -46.74 -14.14 10.34
N LYS A 342 -46.35 -13.57 11.48
CA LYS A 342 -46.57 -14.22 12.77
C LYS A 342 -48.05 -14.44 13.01
N LYS A 343 -48.84 -13.40 12.75
CA LYS A 343 -50.29 -13.50 12.95
C LYS A 343 -50.91 -14.55 12.04
N ALA A 344 -50.44 -14.59 10.79
CA ALA A 344 -50.93 -15.58 9.83
C ALA A 344 -50.63 -16.99 10.34
N HIS A 345 -49.43 -17.18 10.87
CA HIS A 345 -49.03 -18.46 11.43
C HIS A 345 -49.92 -18.86 12.62
N GLU A 346 -50.23 -17.87 13.47
CA GLU A 346 -51.09 -18.10 14.63
C GLU A 346 -52.51 -18.49 14.24
N LEU A 347 -52.99 -17.94 13.12
CA LEU A 347 -54.35 -18.23 12.67
C LEU A 347 -54.46 -19.63 12.08
N GLY A 348 -53.32 -20.25 11.79
CA GLY A 348 -53.30 -21.58 11.23
C GLY A 348 -53.31 -21.57 9.72
N GLY A 349 -52.66 -22.56 9.11
CA GLY A 349 -52.64 -22.68 7.65
C GLY A 349 -51.51 -21.90 6.99
N PHE A 350 -50.58 -21.40 7.79
CA PHE A 350 -49.45 -20.65 7.24
C PHE A 350 -48.19 -20.89 8.08
N THR A 351 -47.09 -21.18 7.41
CA THR A 351 -45.78 -21.29 8.07
C THR A 351 -44.73 -20.59 7.23
N TYR A 352 -43.58 -20.32 7.84
CA TYR A 352 -42.47 -19.66 7.17
C TYR A 352 -41.22 -19.86 7.99
N GLU A 353 -40.07 -19.59 7.39
CA GLU A 353 -38.81 -19.69 8.11
C GLU A 353 -37.94 -18.51 7.72
N THR A 354 -37.14 -18.03 8.68
CA THR A 354 -36.18 -16.97 8.43
C THR A 354 -34.81 -17.39 8.93
N GLN A 355 -33.77 -16.71 8.47
CA GLN A 355 -32.44 -16.90 9.04
C GLN A 355 -31.81 -15.53 9.32
N ALA A 356 -30.93 -15.48 10.31
CA ALA A 356 -30.30 -14.23 10.74
C ALA A 356 -29.36 -13.75 9.67
N SER A 357 -29.26 -12.43 9.52
CA SER A 357 -28.29 -11.83 8.65
C SER A 357 -27.93 -10.47 9.23
N LEU A 358 -26.95 -9.79 8.65
CA LEU A 358 -26.55 -8.49 9.17
C LEU A 358 -27.61 -7.42 8.89
N SER A 359 -28.52 -7.71 7.97
CA SER A 359 -29.60 -6.78 7.68
C SER A 359 -30.86 -7.09 8.53
N GLY A 360 -30.81 -8.16 9.32
CA GLY A 360 -31.97 -8.62 10.07
C GLY A 360 -32.51 -9.94 9.50
N PRO A 361 -33.74 -10.32 9.90
CA PRO A 361 -34.32 -11.60 9.46
C PRO A 361 -34.57 -11.69 7.96
N TYR A 362 -33.97 -12.69 7.35
CA TYR A 362 -34.07 -12.97 5.92
C TYR A 362 -35.06 -14.11 5.71
N LEU A 363 -36.10 -13.88 4.90
CA LEU A 363 -37.12 -14.89 4.64
C LEU A 363 -36.59 -15.97 3.70
N THR A 364 -36.56 -17.21 4.18
CA THR A 364 -35.93 -18.29 3.41
C THR A 364 -36.91 -19.37 2.98
N SER A 365 -38.04 -19.47 3.67
CA SER A 365 -39.01 -20.51 3.39
C SER A 365 -40.43 -20.00 3.64
N VAL A 366 -41.36 -20.45 2.82
CA VAL A 366 -42.77 -20.06 2.95
C VAL A 366 -43.65 -21.28 2.72
N MET A 367 -44.45 -21.61 3.73
CA MET A 367 -45.35 -22.74 3.68
C MET A 367 -44.66 -24.03 3.24
N GLY A 368 -43.47 -24.26 3.79
CA GLY A 368 -42.77 -25.50 3.56
C GLY A 368 -41.84 -25.45 2.36
N LYS A 369 -41.96 -24.39 1.56
CA LYS A 369 -41.16 -24.30 0.34
C LYS A 369 -39.96 -23.37 0.53
N ALA A 370 -38.77 -23.97 0.58
CA ALA A 370 -37.54 -23.20 0.75
C ALA A 370 -37.00 -22.73 -0.59
N ALA A 371 -36.45 -21.53 -0.63
CA ALA A 371 -35.78 -21.02 -1.83
C ALA A 371 -34.53 -21.84 -2.12
N GLY A 372 -34.34 -22.22 -3.39
CA GLY A 372 -33.16 -22.94 -3.81
C GLY A 372 -32.08 -22.05 -4.41
N GLU A 373 -31.20 -22.68 -5.21
CA GLU A 373 -30.06 -21.98 -5.81
C GLU A 373 -30.50 -20.86 -6.75
N ARG A 374 -29.93 -19.67 -6.57
CA ARG A 374 -30.30 -18.50 -7.37
C ARG A 374 -31.81 -18.24 -7.31
N GLU A 375 -32.42 -18.55 -6.17
CA GLU A 375 -33.82 -18.23 -5.94
C GLU A 375 -34.00 -17.49 -4.62
N PHE A 376 -35.05 -16.68 -4.53
CA PHE A 376 -35.41 -16.10 -3.23
C PHE A 376 -36.88 -15.73 -3.19
N TRP A 377 -37.39 -15.63 -1.97
CA TRP A 377 -38.73 -15.15 -1.74
C TRP A 377 -38.75 -13.62 -1.79
N GLN A 378 -39.31 -13.10 -2.88
CA GLN A 378 -39.39 -11.66 -3.08
C GLN A 378 -40.62 -11.07 -2.37
N LEU A 379 -40.42 -9.91 -1.75
CA LEU A 379 -41.51 -9.22 -1.05
C LEU A 379 -42.08 -8.12 -1.95
N LEU A 380 -43.40 -8.13 -2.15
CA LEU A 380 -44.05 -7.09 -2.98
C LEU A 380 -45.26 -6.48 -2.30
N ARG A 381 -45.58 -5.25 -2.70
CA ARG A 381 -46.84 -4.62 -2.31
C ARG A 381 -47.62 -4.33 -3.59
N ASP A 382 -48.86 -3.92 -3.44
CA ASP A 382 -49.70 -3.65 -4.60
C ASP A 382 -49.38 -2.27 -5.17
N PRO A 383 -49.27 -2.17 -6.51
CA PRO A 383 -49.38 -3.26 -7.48
C PRO A 383 -48.04 -3.75 -8.04
N ASN A 384 -47.72 -5.02 -7.80
CA ASN A 384 -46.53 -5.65 -8.35
C ASN A 384 -45.24 -4.84 -8.10
N THR A 385 -45.13 -4.28 -6.90
CA THR A 385 -44.04 -3.40 -6.55
C THR A 385 -43.19 -3.99 -5.45
N PRO A 386 -41.94 -4.35 -5.79
CA PRO A 386 -41.02 -4.93 -4.79
C PRO A 386 -40.77 -3.98 -3.62
N LEU A 387 -40.78 -4.52 -2.39
CA LEU A 387 -40.46 -3.72 -1.22
C LEU A 387 -38.97 -3.29 -1.24
N LEU A 388 -38.68 -2.15 -0.61
CA LEU A 388 -37.30 -1.68 -0.45
C LEU A 388 -36.80 -1.95 0.96
N GLN A 389 -37.64 -2.62 1.75
CA GLN A 389 -37.29 -3.00 3.11
C GLN A 389 -37.65 -4.46 3.33
N GLY A 390 -37.04 -5.10 4.32
CA GLY A 390 -37.33 -6.49 4.65
C GLY A 390 -38.53 -6.64 5.56
N ILE A 391 -38.84 -7.90 5.91
CA ILE A 391 -40.06 -8.20 6.67
C ILE A 391 -40.10 -7.51 8.04
N ALA A 392 -38.94 -7.23 8.63
CA ALA A 392 -38.89 -6.65 9.98
C ALA A 392 -38.84 -5.12 9.97
N ASP A 393 -38.78 -4.51 8.79
CA ASP A 393 -38.70 -3.06 8.67
C ASP A 393 -39.88 -2.45 7.91
N TYR A 394 -40.39 -3.15 6.91
CA TYR A 394 -41.52 -2.59 6.17
C TYR A 394 -42.79 -2.64 7.02
N ARG A 395 -43.46 -1.49 7.14
CA ARG A 395 -44.69 -1.40 7.93
C ARG A 395 -45.85 -1.06 7.01
N PRO A 396 -46.66 -2.07 6.65
CA PRO A 396 -47.76 -1.89 5.69
C PRO A 396 -48.87 -0.97 6.19
N LYS A 397 -49.49 -0.27 5.26
CA LYS A 397 -50.63 0.59 5.60
C LYS A 397 -51.91 -0.22 5.54
N ASP A 398 -52.96 0.32 6.16
CA ASP A 398 -54.25 -0.34 6.16
C ASP A 398 -54.72 -0.57 4.71
N GLY A 399 -55.17 -1.79 4.43
CA GLY A 399 -55.72 -2.11 3.12
C GLY A 399 -54.68 -2.60 2.12
N GLU A 400 -53.42 -2.59 2.53
CA GLU A 400 -52.33 -3.03 1.67
C GLU A 400 -52.40 -4.54 1.41
N THR A 401 -51.89 -4.96 0.27
CA THR A 401 -51.71 -6.37 -0.04
C THR A 401 -50.23 -6.69 -0.16
N ILE A 402 -49.76 -7.62 0.68
CA ILE A 402 -48.37 -8.04 0.66
C ILE A 402 -48.26 -9.41 0.00
N GLU A 403 -47.39 -9.53 -0.98
CA GLU A 403 -47.21 -10.79 -1.67
C GLU A 403 -45.82 -11.37 -1.43
N LEU A 404 -45.76 -12.66 -1.17
CA LEU A 404 -44.48 -13.40 -1.14
C LEU A 404 -44.41 -14.22 -2.42
N ARG A 405 -43.37 -13.97 -3.21
CA ARG A 405 -43.26 -14.58 -4.53
C ARG A 405 -41.91 -15.25 -4.73
N LEU A 406 -41.90 -16.55 -5.04
CA LEU A 406 -40.64 -17.25 -5.22
C LEU A 406 -40.12 -16.93 -6.61
N VAL A 407 -38.98 -16.27 -6.68
CA VAL A 407 -38.47 -15.87 -7.98
C VAL A 407 -37.06 -16.39 -8.20
N SER A 408 -36.67 -16.47 -9.47
CA SER A 408 -35.34 -16.88 -9.86
C SER A 408 -34.55 -15.67 -10.40
N TRP A 409 -33.27 -15.58 -10.09
CA TRP A 409 -32.48 -14.43 -10.53
C TRP A 409 -31.07 -14.82 -10.98
N GLU B 1 -0.64 14.96 -18.20
CA GLU B 1 0.30 13.94 -18.66
C GLU B 1 1.07 13.32 -17.48
N MET B 2 1.62 12.13 -17.70
CA MET B 2 2.38 11.42 -16.68
C MET B 2 3.89 11.43 -16.96
N CYS B 3 4.68 11.34 -15.91
CA CYS B 3 6.14 11.23 -16.09
C CYS B 3 6.53 9.77 -16.24
N GLU B 4 6.82 9.35 -17.47
CA GLU B 4 7.21 7.98 -17.78
C GLU B 4 8.63 7.89 -18.33
N ILE B 5 9.41 6.98 -17.77
CA ILE B 5 10.74 6.69 -18.26
C ILE B 5 10.78 5.26 -18.79
N PRO B 6 10.59 5.10 -20.10
CA PRO B 6 10.64 3.78 -20.76
C PRO B 6 11.90 3.01 -20.38
N GLU B 7 11.80 1.69 -20.36
CA GLU B 7 12.91 0.81 -19.97
C GLU B 7 14.21 1.16 -20.66
N MET B 8 15.29 1.04 -19.92
CA MET B 8 16.59 1.21 -20.61
C MET B 8 17.36 -0.12 -20.66
N ASP B 9 18.37 -0.22 -21.53
CA ASP B 9 19.12 -1.49 -21.76
C ASP B 9 19.39 -2.25 -20.46
N SER B 10 18.99 -3.52 -20.43
CA SER B 10 19.27 -4.33 -19.25
C SER B 10 20.77 -4.41 -18.98
N HIS B 11 21.58 -4.42 -20.05
CA HIS B 11 23.02 -4.44 -19.86
C HIS B 11 23.46 -3.18 -19.15
N LEU B 12 23.00 -2.03 -19.64
CA LEU B 12 23.32 -0.74 -19.03
C LEU B 12 22.89 -0.67 -17.56
N VAL B 13 21.74 -1.23 -17.24
CA VAL B 13 21.26 -1.23 -15.85
C VAL B 13 22.13 -2.14 -14.98
N GLU B 14 22.47 -3.30 -15.54
CA GLU B 14 23.29 -4.29 -14.85
C GLU B 14 24.64 -3.70 -14.43
N LYS B 15 25.28 -2.92 -15.32
CA LYS B 15 26.60 -2.36 -15.01
C LYS B 15 26.52 -1.29 -13.94
N LEU B 16 25.37 -0.61 -13.84
CA LEU B 16 25.14 0.30 -12.72
C LEU B 16 25.10 -0.49 -11.42
N GLY B 17 24.33 -1.57 -11.39
CA GLY B 17 24.24 -2.40 -10.21
C GLY B 17 25.58 -2.99 -9.79
N GLN B 18 26.41 -3.34 -10.76
CA GLN B 18 27.72 -3.91 -10.45
C GLN B 18 28.63 -2.92 -9.74
N HIS B 19 28.38 -1.62 -9.93
CA HIS B 19 29.09 -0.59 -9.17
C HIS B 19 28.70 -0.62 -7.69
N LEU B 20 27.45 -1.00 -7.41
CA LEU B 20 26.98 -1.07 -6.03
C LEU B 20 27.48 -2.30 -5.32
N LEU B 21 27.66 -3.36 -6.11
CA LEU B 21 27.93 -4.69 -5.57
C LEU B 21 29.10 -4.78 -4.57
N PRO B 22 30.26 -4.16 -4.85
CA PRO B 22 31.36 -4.28 -3.88
C PRO B 22 31.01 -3.75 -2.50
N TRP B 23 30.09 -2.77 -2.44
CA TRP B 23 29.70 -2.19 -1.17
C TRP B 23 28.89 -3.14 -0.30
N MET B 24 28.34 -4.18 -0.92
CA MET B 24 27.58 -5.19 -0.17
C MET B 24 28.46 -5.95 0.83
N ASP B 25 29.77 -5.95 0.61
CA ASP B 25 30.69 -6.67 1.51
C ASP B 25 31.41 -5.72 2.45
N ARG B 26 31.13 -4.43 2.34
CA ARG B 26 31.74 -3.45 3.23
C ARG B 26 30.78 -3.09 4.35
N LEU B 27 30.88 -3.82 5.45
CA LEU B 27 29.90 -3.78 6.53
C LEU B 27 30.35 -2.98 7.75
N SER B 28 31.52 -2.37 7.68
CA SER B 28 31.98 -1.51 8.76
C SER B 28 31.07 -0.29 8.83
N LEU B 29 30.86 0.22 10.04
CA LEU B 29 29.88 1.27 10.25
C LEU B 29 30.20 2.54 9.46
N GLU B 30 31.48 2.76 9.16
CA GLU B 30 31.87 3.94 8.40
C GLU B 30 31.44 3.80 6.94
N HIS B 31 31.21 2.56 6.52
CA HIS B 31 30.83 2.30 5.13
C HIS B 31 29.37 1.87 4.95
N LEU B 32 28.73 1.43 6.05
CA LEU B 32 27.32 1.03 5.98
C LEU B 32 26.47 2.15 5.41
N ASN B 33 25.63 1.80 4.44
CA ASN B 33 24.87 2.80 3.71
C ASN B 33 23.44 2.36 3.47
N PRO B 34 22.48 2.85 4.29
CA PRO B 34 21.07 2.49 4.14
C PRO B 34 20.50 2.89 2.79
N SER B 35 21.05 3.94 2.18
CA SER B 35 20.54 4.35 0.86
C SER B 35 20.87 3.33 -0.23
N ILE B 36 22.02 2.65 -0.09
CA ILE B 36 22.41 1.62 -1.04
C ILE B 36 21.45 0.42 -0.97
N TYR B 37 21.10 0.01 0.25
CA TYR B 37 20.16 -1.08 0.47
C TYR B 37 18.79 -0.78 -0.14
N VAL B 38 18.29 0.42 0.16
CA VAL B 38 17.01 0.87 -0.36
C VAL B 38 16.98 0.91 -1.88
N GLY B 39 18.01 1.51 -2.47
CA GLY B 39 18.11 1.63 -3.92
C GLY B 39 18.11 0.27 -4.59
N LEU B 40 18.80 -0.69 -3.98
CA LEU B 40 18.86 -2.03 -4.55
C LEU B 40 17.53 -2.77 -4.42
N ARG B 41 16.86 -2.65 -3.28
CA ARG B 41 15.58 -3.35 -3.09
C ARG B 41 14.51 -2.81 -4.03
N LEU B 42 14.60 -1.51 -4.36
CA LEU B 42 13.63 -0.89 -5.26
C LEU B 42 13.99 -1.10 -6.73
N SER B 43 15.14 -1.71 -6.98
CA SER B 43 15.62 -1.89 -8.35
C SER B 43 15.14 -3.22 -8.93
N SER B 44 15.57 -3.47 -10.16
CA SER B 44 15.24 -4.78 -10.79
C SER B 44 16.39 -5.73 -10.53
N LEU B 45 17.34 -5.33 -9.70
CA LEU B 45 18.54 -6.13 -9.40
C LEU B 45 18.59 -6.54 -7.95
N GLN B 46 19.30 -7.63 -7.66
CA GLN B 46 19.44 -8.10 -6.29
C GLN B 46 20.83 -8.67 -6.03
N ALA B 47 21.21 -8.72 -4.76
CA ALA B 47 22.49 -9.28 -4.36
C ALA B 47 22.31 -10.55 -3.51
N GLY B 48 21.11 -11.11 -3.55
CA GLY B 48 20.82 -12.37 -2.89
C GLY B 48 21.02 -12.34 -1.38
N THR B 49 21.68 -13.36 -0.85
CA THR B 49 21.88 -13.48 0.59
C THR B 49 22.71 -12.34 1.17
N LYS B 50 23.53 -11.68 0.35
CA LYS B 50 24.32 -10.54 0.83
C LYS B 50 23.44 -9.44 1.40
N GLU B 51 22.21 -9.33 0.88
CA GLU B 51 21.30 -8.28 1.30
C GLU B 51 20.88 -8.46 2.75
N ASP B 52 20.59 -9.70 3.11
CA ASP B 52 20.13 -10.03 4.45
C ASP B 52 21.21 -9.71 5.49
N LEU B 53 22.45 -10.03 5.17
CA LEU B 53 23.57 -9.70 6.04
C LEU B 53 23.75 -8.19 6.15
N TYR B 54 23.51 -7.50 5.05
CA TYR B 54 23.65 -6.06 5.01
C TYR B 54 22.61 -5.40 5.93
N LEU B 55 21.37 -5.87 5.87
CA LEU B 55 20.32 -5.32 6.71
C LEU B 55 20.59 -5.63 8.17
N HIS B 56 21.12 -6.82 8.40
CA HIS B 56 21.44 -7.17 9.79
C HIS B 56 22.45 -6.16 10.30
N SER B 57 23.51 -5.98 9.53
CA SER B 57 24.57 -5.07 9.96
C SER B 57 24.02 -3.68 10.25
N LEU B 58 23.08 -3.23 9.40
CA LEU B 58 22.43 -1.94 9.61
C LEU B 58 21.71 -1.90 10.95
N LYS B 59 20.93 -2.95 11.22
CA LYS B 59 20.18 -3.05 12.47
C LYS B 59 21.11 -3.10 13.69
N LEU B 60 22.21 -3.79 13.55
CA LEU B 60 23.05 -3.83 14.76
C LEU B 60 23.63 -2.43 14.93
N GLY B 61 24.32 -1.94 13.92
CA GLY B 61 25.00 -0.67 14.04
C GLY B 61 24.11 0.45 14.52
N TYR B 62 23.00 0.67 13.84
CA TYR B 62 22.15 1.81 14.15
C TYR B 62 21.50 1.70 15.52
N GLN B 63 21.09 0.50 15.91
CA GLN B 63 20.40 0.34 17.19
C GLN B 63 21.36 0.36 18.37
N GLN B 64 22.55 -0.20 18.21
CA GLN B 64 23.53 -0.19 19.29
C GLN B 64 24.13 1.20 19.49
N CYS B 65 24.44 1.87 18.38
CA CYS B 65 25.09 3.17 18.45
C CYS B 65 24.19 4.27 18.99
N LEU B 66 22.90 4.21 18.65
CA LEU B 66 22.00 5.31 18.98
C LEU B 66 21.26 5.07 20.29
N LEU B 67 21.27 3.83 20.77
CA LEU B 67 20.54 3.48 21.98
C LEU B 67 21.46 3.03 23.11
N GLY B 68 22.62 2.49 22.75
CA GLY B 68 23.55 1.97 23.74
C GLY B 68 24.62 2.97 24.12
N CYS B 78 30.78 2.23 19.39
CA CYS B 78 30.55 2.87 18.10
C CYS B 78 31.63 3.89 17.79
N GLN B 79 32.10 3.89 16.56
CA GLN B 79 33.05 4.90 16.12
C GLN B 79 32.33 5.81 15.15
N GLY B 80 32.06 7.04 15.58
CA GLY B 80 31.35 8.01 14.76
C GLY B 80 29.97 7.51 14.37
N LYS B 81 29.10 7.35 15.37
CA LYS B 81 27.79 6.75 15.18
C LYS B 81 26.96 7.53 14.15
N PRO B 82 25.84 6.95 13.67
CA PRO B 82 25.14 7.63 12.57
C PRO B 82 24.39 8.91 12.98
N SER B 83 24.19 9.78 12.01
CA SER B 83 23.40 10.99 12.21
C SER B 83 21.89 10.70 12.17
N MET B 84 21.10 11.70 12.54
CA MET B 84 19.66 11.59 12.50
C MET B 84 19.15 11.49 11.06
N GLY B 85 19.81 12.19 10.14
CA GLY B 85 19.45 12.10 8.73
C GLY B 85 19.67 10.68 8.23
N GLN B 86 20.77 10.08 8.66
CA GLN B 86 21.10 8.71 8.27
C GLN B 86 20.11 7.72 8.92
N LEU B 87 19.66 8.05 10.12
CA LEU B 87 18.64 7.25 10.82
C LEU B 87 17.35 7.24 10.00
N ALA B 88 17.02 8.37 9.39
CA ALA B 88 15.86 8.47 8.52
C ALA B 88 15.98 7.50 7.35
N LEU B 89 17.17 7.43 6.73
CA LEU B 89 17.36 6.51 5.61
C LEU B 89 17.35 5.06 6.09
N TYR B 90 17.82 4.84 7.30
CA TYR B 90 17.71 3.49 7.89
C TYR B 90 16.24 3.08 8.01
N LEU B 91 15.37 4.05 8.30
CA LEU B 91 13.95 3.78 8.38
C LEU B 91 13.40 3.38 7.01
N LEU B 92 13.89 4.03 5.95
CA LEU B 92 13.50 3.65 4.59
C LEU B 92 13.94 2.22 4.29
N ALA B 93 15.12 1.85 4.81
CA ALA B 93 15.66 0.52 4.61
C ALA B 93 14.75 -0.53 5.24
N LEU B 94 14.17 -0.21 6.39
CA LEU B 94 13.24 -1.14 7.03
C LEU B 94 11.99 -1.36 6.17
N ARG B 95 11.47 -0.29 5.59
CA ARG B 95 10.31 -0.38 4.70
C ARG B 95 10.65 -1.22 3.46
N ALA B 96 11.88 -1.10 2.99
CA ALA B 96 12.36 -1.84 1.82
C ALA B 96 12.37 -3.34 2.08
N ASN B 97 12.36 -3.72 3.35
CA ASN B 97 12.24 -5.13 3.71
C ASN B 97 10.84 -5.45 4.28
N CYS B 98 9.86 -4.59 3.99
CA CYS B 98 8.49 -4.78 4.48
C CYS B 98 8.41 -4.91 5.99
N GLU B 99 9.16 -4.06 6.69
CA GLU B 99 9.12 -3.99 8.14
C GLU B 99 8.64 -2.63 8.60
N PHE B 100 7.89 -2.61 9.69
CA PHE B 100 7.62 -1.36 10.39
C PHE B 100 8.56 -1.30 11.57
N VAL B 101 9.08 -0.12 11.86
CA VAL B 101 9.93 0.07 13.03
C VAL B 101 9.08 -0.24 14.27
N ARG B 102 9.61 -1.08 15.14
CA ARG B 102 8.79 -1.65 16.20
C ARG B 102 9.60 -2.08 17.41
N GLY B 103 8.90 -2.47 18.47
CA GLY B 103 9.52 -2.83 19.74
C GLY B 103 9.96 -1.61 20.51
N HIS B 104 10.53 -1.83 21.69
CA HIS B 104 11.00 -0.73 22.51
C HIS B 104 12.19 -0.01 21.87
N LYS B 105 13.08 -0.78 21.26
CA LYS B 105 14.22 -0.17 20.56
C LYS B 105 13.73 0.66 19.38
N GLY B 106 12.76 0.13 18.64
CA GLY B 106 12.19 0.85 17.52
C GLY B 106 11.47 2.13 17.92
N ASP B 107 10.64 2.05 18.96
CA ASP B 107 9.91 3.22 19.44
C ASP B 107 10.86 4.36 19.82
N ARG B 108 11.96 4.01 20.47
CA ARG B 108 12.94 5.01 20.90
C ARG B 108 13.62 5.67 19.71
N LEU B 109 13.89 4.90 18.67
CA LEU B 109 14.52 5.46 17.47
C LEU B 109 13.58 6.47 16.82
N VAL B 110 12.29 6.14 16.78
CA VAL B 110 11.28 7.03 16.23
C VAL B 110 11.28 8.37 16.97
N SER B 111 11.30 8.31 18.30
CA SER B 111 11.24 9.53 19.09
C SER B 111 12.49 10.36 18.94
N GLN B 112 13.63 9.70 18.70
CA GLN B 112 14.88 10.41 18.45
C GLN B 112 14.78 11.20 17.15
N LEU B 113 14.20 10.58 16.12
CA LEU B 113 14.01 11.26 14.85
C LEU B 113 13.00 12.41 14.99
N LYS B 114 11.95 12.18 15.78
CA LYS B 114 10.99 13.24 16.08
C LYS B 114 11.64 14.41 16.82
N TRP B 115 12.58 14.10 17.74
CA TRP B 115 13.33 15.15 18.42
C TRP B 115 14.20 15.94 17.46
N PHE B 116 14.79 15.25 16.49
CA PHE B 116 15.58 15.93 15.46
C PHE B 116 14.73 16.97 14.73
N LEU B 117 13.52 16.58 14.34
CA LEU B 117 12.63 17.49 13.64
C LEU B 117 12.18 18.64 14.52
N GLU B 118 11.91 18.34 15.79
CA GLU B 118 11.48 19.36 16.73
C GLU B 118 12.59 20.40 16.97
N ASP B 119 13.83 19.93 17.04
CA ASP B 119 14.97 20.82 17.24
C ASP B 119 15.20 21.71 16.02
N GLU B 120 15.06 21.13 14.83
CA GLU B 120 15.18 21.90 13.61
C GLU B 120 14.04 22.91 13.49
N LYS B 121 12.84 22.52 13.91
CA LYS B 121 11.72 23.46 13.92
C LYS B 121 12.03 24.66 14.81
N ARG B 122 12.59 24.38 15.99
CA ARG B 122 12.93 25.43 16.94
C ARG B 122 14.05 26.31 16.38
N ALA B 123 15.02 25.70 15.70
CA ALA B 123 16.13 26.45 15.13
C ALA B 123 15.65 27.37 14.03
N ILE B 124 14.72 26.89 13.21
CA ILE B 124 14.14 27.69 12.13
C ILE B 124 13.39 28.89 12.71
N GLY B 125 12.61 28.65 13.77
CA GLY B 125 11.94 29.74 14.48
C GLY B 125 10.53 30.02 14.01
N HIS B 126 9.77 30.72 14.84
CA HIS B 126 8.40 31.10 14.48
C HIS B 126 8.42 32.11 13.34
N ASP B 127 9.55 32.79 13.16
CA ASP B 127 9.69 33.78 12.11
C ASP B 127 10.09 33.21 10.75
N HIS B 128 10.72 32.03 10.76
CA HIS B 128 11.29 31.35 9.60
C HIS B 128 12.58 32.00 9.06
N LYS B 129 13.27 32.83 9.85
CA LYS B 129 14.58 33.34 9.41
C LYS B 129 15.73 32.38 9.68
N GLY B 130 15.78 31.81 10.88
CA GLY B 130 16.85 30.90 11.25
C GLY B 130 16.93 29.71 10.31
N HIS B 131 18.15 29.24 10.07
CA HIS B 131 18.35 28.07 9.22
C HIS B 131 18.17 26.82 10.07
N PRO B 132 17.88 25.68 9.44
CA PRO B 132 18.04 24.44 10.20
C PRO B 132 19.53 24.20 10.43
N HIS B 133 19.89 23.44 11.45
CA HIS B 133 21.30 23.14 11.71
C HIS B 133 21.88 22.23 10.65
N THR B 134 21.01 21.44 10.05
CA THR B 134 21.34 20.68 8.85
C THR B 134 20.48 21.35 7.78
N SER B 135 20.15 20.65 6.72
CA SER B 135 19.41 21.26 5.61
C SER B 135 17.90 21.02 5.58
N TYR B 136 17.22 21.75 4.69
CA TYR B 136 15.81 21.45 4.47
C TYR B 136 15.66 20.10 3.76
N TYR B 137 16.72 19.64 3.10
CA TYR B 137 16.70 18.30 2.51
C TYR B 137 16.50 17.25 3.60
N GLN B 138 17.31 17.33 4.66
CA GLN B 138 17.20 16.40 5.77
C GLN B 138 15.90 16.57 6.54
N TYR B 139 15.41 17.81 6.62
CA TYR B 139 14.13 18.07 7.27
C TYR B 139 13.01 17.33 6.52
N GLY B 140 12.98 17.43 5.19
CA GLY B 140 12.00 16.72 4.39
C GLY B 140 12.18 15.21 4.49
N LEU B 141 13.43 14.76 4.41
CA LEU B 141 13.73 13.34 4.52
C LEU B 141 13.23 12.76 5.85
N GLY B 142 13.38 13.52 6.94
CA GLY B 142 12.91 13.05 8.23
C GLY B 142 11.40 12.91 8.30
N ILE B 143 10.69 13.87 7.73
CA ILE B 143 9.23 13.81 7.69
C ILE B 143 8.77 12.62 6.85
N LEU B 144 9.41 12.44 5.71
CA LEU B 144 9.10 11.31 4.83
C LEU B 144 9.29 9.98 5.56
N ALA B 145 10.47 9.80 6.18
CA ALA B 145 10.81 8.57 6.87
C ALA B 145 9.78 8.21 7.94
N LEU B 146 9.36 9.19 8.73
CA LEU B 146 8.36 8.96 9.76
C LEU B 146 6.99 8.61 9.14
N CYS B 147 6.64 9.33 8.09
CA CYS B 147 5.36 9.11 7.41
C CYS B 147 5.30 7.69 6.82
N LEU B 148 6.42 7.20 6.27
CA LEU B 148 6.46 5.86 5.67
C LEU B 148 6.17 4.78 6.69
N HIS B 149 6.48 5.06 7.95
CA HIS B 149 6.20 4.14 9.02
C HIS B 149 4.91 4.48 9.74
N GLN B 150 4.11 5.33 9.10
CA GLN B 150 2.82 5.79 9.64
C GLN B 150 2.95 6.47 11.00
N LYS B 151 4.07 7.17 11.19
CA LYS B 151 4.28 7.99 12.39
C LYS B 151 3.97 9.46 12.07
N ARG B 152 3.16 10.09 12.91
CA ARG B 152 2.69 11.44 12.61
C ARG B 152 3.58 12.53 13.21
N VAL B 153 3.71 13.63 12.50
CA VAL B 153 4.36 14.84 13.02
C VAL B 153 3.34 15.96 13.09
N HIS B 154 3.57 16.91 13.99
CA HIS B 154 2.60 17.98 14.21
C HIS B 154 2.54 18.92 13.00
N ASP B 155 1.41 19.61 12.83
CA ASP B 155 1.25 20.61 11.78
C ASP B 155 2.34 21.68 11.81
N SER B 156 2.75 22.07 13.02
CA SER B 156 3.80 23.08 13.17
C SER B 156 5.11 22.59 12.55
N VAL B 157 5.34 21.28 12.54
CA VAL B 157 6.56 20.74 11.94
C VAL B 157 6.47 20.81 10.41
N VAL B 158 5.33 20.35 9.89
CA VAL B 158 5.07 20.39 8.45
C VAL B 158 5.10 21.83 7.94
N ASP B 159 4.60 22.77 8.75
CA ASP B 159 4.55 24.19 8.35
C ASP B 159 5.89 24.75 7.89
N LYS B 160 6.98 24.33 8.53
CA LYS B 160 8.30 24.85 8.17
C LYS B 160 8.68 24.40 6.76
N LEU B 161 8.30 23.19 6.39
CA LEU B 161 8.61 22.71 5.05
C LEU B 161 7.71 23.42 4.04
N LEU B 162 6.44 23.60 4.41
CA LEU B 162 5.48 24.30 3.55
C LEU B 162 5.96 25.73 3.24
N TYR B 163 6.34 26.46 4.28
CA TYR B 163 6.80 27.84 4.11
C TYR B 163 8.06 27.93 3.25
N ALA B 164 8.92 26.91 3.35
CA ALA B 164 10.17 26.89 2.60
C ALA B 164 9.95 26.80 1.09
N VAL B 165 8.83 26.23 0.66
CA VAL B 165 8.57 26.09 -0.76
C VAL B 165 7.46 26.99 -1.28
N GLU B 166 6.62 27.48 -0.36
CA GLU B 166 5.46 28.30 -0.74
C GLU B 166 5.86 29.66 -1.29
N PRO B 167 4.93 30.35 -1.99
CA PRO B 167 5.21 31.68 -2.55
C PRO B 167 5.84 32.65 -1.55
N PHE B 168 6.76 33.48 -2.04
CA PHE B 168 7.44 34.48 -1.22
C PHE B 168 8.29 33.87 -0.12
N HIS B 169 8.73 32.64 -0.33
CA HIS B 169 9.60 31.99 0.64
C HIS B 169 10.98 32.64 0.63
N GLN B 170 11.65 32.60 1.78
CA GLN B 170 13.00 33.14 1.87
C GLN B 170 13.99 32.06 1.48
N GLY B 171 15.14 32.46 0.95
CA GLY B 171 16.15 31.52 0.53
C GLY B 171 15.90 30.90 -0.84
N HIS B 172 16.89 30.14 -1.30
CA HIS B 172 16.80 29.40 -2.55
C HIS B 172 17.15 27.93 -2.31
N HIS B 173 16.29 27.03 -2.79
CA HIS B 173 16.51 25.61 -2.58
C HIS B 173 16.86 24.92 -3.89
N SER B 174 17.73 23.93 -3.81
CA SER B 174 18.11 23.14 -4.99
C SER B 174 16.93 22.29 -5.48
N VAL B 175 17.08 21.73 -6.67
CA VAL B 175 16.14 20.76 -7.20
C VAL B 175 16.04 19.54 -6.27
N ASP B 176 17.18 19.08 -5.77
CA ASP B 176 17.25 17.93 -4.87
C ASP B 176 16.37 18.15 -3.64
N THR B 177 16.53 19.33 -3.04
CA THR B 177 15.80 19.68 -1.83
C THR B 177 14.30 19.78 -2.09
N ALA B 178 13.93 20.41 -3.21
CA ALA B 178 12.52 20.53 -3.56
C ALA B 178 11.92 19.16 -3.83
N ALA B 179 12.67 18.28 -4.50
CA ALA B 179 12.19 16.95 -4.82
C ALA B 179 11.96 16.16 -3.53
N MET B 180 12.91 16.23 -2.60
CA MET B 180 12.76 15.53 -1.33
C MET B 180 11.55 16.05 -0.55
N ALA B 181 11.35 17.37 -0.57
CA ALA B 181 10.17 17.98 0.06
C ALA B 181 8.88 17.46 -0.58
N GLY B 182 8.87 17.41 -1.91
CA GLY B 182 7.73 16.92 -2.65
C GLY B 182 7.41 15.48 -2.31
N LEU B 183 8.43 14.67 -2.09
CA LEU B 183 8.24 13.28 -1.72
C LEU B 183 7.59 13.18 -0.33
N ALA B 184 8.07 14.00 0.59
CA ALA B 184 7.51 14.08 1.93
C ALA B 184 6.04 14.50 1.88
N PHE B 185 5.74 15.57 1.14
CA PHE B 185 4.36 16.04 0.96
C PHE B 185 3.45 14.96 0.36
N THR B 186 3.98 14.22 -0.61
CA THR B 186 3.22 13.16 -1.26
C THR B 186 2.89 12.06 -0.27
N CYS B 187 3.84 11.68 0.58
CA CYS B 187 3.55 10.63 1.56
C CYS B 187 2.47 11.11 2.54
N LEU B 188 2.56 12.36 2.99
CA LEU B 188 1.54 12.92 3.88
C LEU B 188 0.15 12.88 3.22
N LYS B 189 0.11 13.26 1.95
CA LYS B 189 -1.17 13.33 1.25
C LYS B 189 -1.75 11.93 1.03
N ARG B 190 -0.92 10.98 0.59
CA ARG B 190 -1.40 9.62 0.37
C ARG B 190 -1.83 8.94 1.67
N SER B 191 -1.20 9.32 2.78
CA SER B 191 -1.52 8.71 4.06
C SER B 191 -2.67 9.44 4.78
N ASN B 192 -3.15 10.51 4.17
CA ASN B 192 -4.14 11.41 4.78
C ASN B 192 -3.69 11.92 6.15
N PHE B 193 -2.40 12.20 6.27
CA PHE B 193 -1.84 12.77 7.49
C PHE B 193 -1.96 14.29 7.44
N ASN B 194 -1.88 14.93 8.61
CA ASN B 194 -2.02 16.38 8.70
C ASN B 194 -3.21 16.95 7.91
N PRO B 195 -4.42 16.48 8.21
CA PRO B 195 -5.60 16.94 7.46
C PRO B 195 -5.85 18.45 7.60
N GLY B 196 -5.31 19.07 8.64
CA GLY B 196 -5.48 20.50 8.83
C GLY B 196 -4.52 21.30 7.97
N ARG B 197 -3.66 20.60 7.21
CA ARG B 197 -2.80 21.23 6.22
C ARG B 197 -3.02 20.65 4.83
N ARG B 198 -4.12 19.91 4.64
CA ARG B 198 -4.30 19.12 3.42
C ARG B 198 -4.26 19.97 2.14
N GLN B 199 -4.99 21.08 2.11
CA GLN B 199 -4.98 21.93 0.91
C GLN B 199 -3.61 22.54 0.63
N ARG B 200 -2.92 23.00 1.68
CA ARG B 200 -1.59 23.55 1.49
C ARG B 200 -0.61 22.47 1.03
N ILE B 201 -0.74 21.27 1.58
CA ILE B 201 0.12 20.17 1.16
C ILE B 201 -0.11 19.86 -0.33
N THR B 202 -1.37 19.85 -0.74
CA THR B 202 -1.74 19.62 -2.14
C THR B 202 -1.15 20.69 -3.05
N MET B 203 -1.29 21.95 -2.65
CA MET B 203 -0.75 23.08 -3.39
C MET B 203 0.77 23.07 -3.44
N ALA B 204 1.41 22.62 -2.36
CA ALA B 204 2.88 22.58 -2.29
C ALA B 204 3.46 21.56 -3.27
N ILE B 205 2.77 20.44 -3.43
CA ILE B 205 3.17 19.41 -4.38
C ILE B 205 3.19 19.99 -5.82
N ARG B 206 2.12 20.69 -6.20
CA ARG B 206 2.06 21.36 -7.49
C ARG B 206 3.16 22.43 -7.63
N THR B 207 3.41 23.17 -6.56
CA THR B 207 4.47 24.19 -6.58
C THR B 207 5.83 23.55 -6.88
N VAL B 208 6.14 22.46 -6.19
CA VAL B 208 7.39 21.75 -6.40
C VAL B 208 7.47 21.20 -7.84
N GLN B 209 6.36 20.64 -8.34
CA GLN B 209 6.31 20.20 -9.74
C GLN B 209 6.72 21.30 -10.71
N GLU B 210 6.07 22.47 -10.59
CA GLU B 210 6.34 23.59 -11.48
C GLU B 210 7.78 24.09 -11.38
N GLU B 211 8.31 24.16 -10.18
CA GLU B 211 9.66 24.70 -10.01
C GLU B 211 10.69 23.72 -10.59
N ILE B 212 10.43 22.43 -10.43
CA ILE B 212 11.35 21.44 -10.99
C ILE B 212 11.29 21.45 -12.53
N LEU B 213 10.10 21.53 -13.09
CA LEU B 213 10.00 21.63 -14.55
C LEU B 213 10.67 22.90 -15.07
N LYS B 214 10.58 23.98 -14.32
CA LYS B 214 11.17 25.23 -14.78
C LYS B 214 12.69 25.21 -14.59
N ALA B 215 13.21 24.21 -13.88
CA ALA B 215 14.65 24.09 -13.67
C ALA B 215 15.32 23.16 -14.69
N GLN B 216 14.55 22.69 -15.67
CA GLN B 216 15.09 21.77 -16.68
C GLN B 216 16.04 22.49 -17.65
N THR B 217 17.25 21.95 -17.79
CA THR B 217 18.27 22.54 -18.66
C THR B 217 17.99 22.25 -20.14
N PRO B 218 18.65 22.98 -21.06
CA PRO B 218 18.49 22.67 -22.48
C PRO B 218 18.93 21.25 -22.85
N GLU B 219 19.85 20.67 -22.08
CA GLU B 219 20.29 19.29 -22.30
C GLU B 219 19.19 18.31 -21.92
N GLY B 220 18.39 18.66 -20.92
CA GLY B 220 17.26 17.83 -20.50
C GLY B 220 17.28 17.48 -19.02
N HIS B 221 18.39 17.75 -18.35
CA HIS B 221 18.48 17.46 -16.92
C HIS B 221 17.66 18.46 -16.10
N PHE B 222 17.20 18.01 -14.95
CA PHE B 222 16.53 18.88 -13.99
C PHE B 222 17.56 19.45 -13.02
N GLY B 223 17.97 20.71 -13.23
CA GLY B 223 19.02 21.29 -12.42
C GLY B 223 20.38 20.85 -12.94
N ASN B 224 20.79 19.65 -12.56
CA ASN B 224 21.97 19.01 -13.16
C ASN B 224 21.79 17.47 -13.20
N VAL B 225 22.76 16.78 -13.77
CA VAL B 225 22.66 15.34 -14.01
C VAL B 225 22.37 14.55 -12.73
N TYR B 226 22.88 15.04 -11.59
CA TYR B 226 22.76 14.32 -10.33
C TYR B 226 21.52 14.72 -9.51
N SER B 227 20.83 15.76 -9.97
CA SER B 227 19.55 16.14 -9.37
C SER B 227 18.42 15.37 -10.07
N THR B 228 18.65 15.03 -11.33
CA THR B 228 17.63 14.37 -12.16
C THR B 228 17.02 13.09 -11.54
N PRO B 229 17.85 12.20 -10.93
CA PRO B 229 17.22 10.99 -10.37
C PRO B 229 16.15 11.26 -9.32
N LEU B 230 16.46 12.07 -8.31
CA LEU B 230 15.48 12.38 -7.28
C LEU B 230 14.33 13.18 -7.83
N ALA B 231 14.64 14.07 -8.78
CA ALA B 231 13.60 14.88 -9.40
C ALA B 231 12.60 13.98 -10.13
N LEU B 232 13.12 12.96 -10.81
CA LEU B 232 12.27 12.01 -11.53
C LEU B 232 11.44 11.18 -10.57
N GLN B 233 12.06 10.74 -9.47
CA GLN B 233 11.31 10.02 -8.43
C GLN B 233 10.09 10.82 -8.02
N PHE B 234 10.27 12.11 -7.71
CA PHE B 234 9.12 12.91 -7.31
C PHE B 234 8.09 13.08 -8.43
N LEU B 235 8.56 13.38 -9.64
CA LEU B 235 7.66 13.65 -10.76
C LEU B 235 6.83 12.42 -11.13
N MET B 236 7.37 11.24 -10.84
CA MET B 236 6.69 9.98 -11.18
C MET B 236 5.51 9.67 -10.26
N THR B 237 5.43 10.37 -9.13
CA THR B 237 4.46 9.98 -8.10
C THR B 237 3.06 10.52 -8.33
N SER B 238 2.92 11.58 -9.12
CA SER B 238 1.60 12.17 -9.39
C SER B 238 1.45 12.70 -10.80
N PRO B 239 0.20 12.72 -11.29
CA PRO B 239 -0.07 13.40 -12.55
C PRO B 239 0.14 14.92 -12.41
N MET B 240 0.30 15.59 -13.54
CA MET B 240 0.47 17.03 -13.57
C MET B 240 -0.35 17.55 -14.74
N ARG B 241 -1.62 17.82 -14.46
CA ARG B 241 -2.53 18.29 -15.50
C ARG B 241 -2.27 19.73 -15.92
N GLY B 242 -2.39 19.98 -17.22
CA GLY B 242 -2.11 21.29 -17.79
C GLY B 242 -0.70 21.36 -18.32
N ALA B 243 0.22 20.70 -17.63
CA ALA B 243 1.62 20.69 -18.03
C ALA B 243 1.94 19.54 -19.00
N GLU B 244 3.04 19.69 -19.73
CA GLU B 244 3.54 18.60 -20.55
C GLU B 244 4.62 17.85 -19.80
N LEU B 245 4.20 17.08 -18.82
CA LEU B 245 5.10 16.30 -17.98
C LEU B 245 5.76 15.15 -18.76
N GLY B 246 4.97 14.53 -19.64
CA GLY B 246 5.45 13.45 -20.46
C GLY B 246 6.64 13.84 -21.32
N THR B 247 6.50 14.98 -22.01
CA THR B 247 7.56 15.52 -22.84
C THR B 247 8.81 15.86 -22.03
N ALA B 248 8.61 16.50 -20.90
CA ALA B 248 9.73 16.92 -20.06
C ALA B 248 10.52 15.70 -19.58
N CYS B 249 9.80 14.65 -19.20
CA CYS B 249 10.45 13.45 -18.70
C CYS B 249 11.15 12.65 -19.80
N LEU B 250 10.60 12.64 -21.01
CA LEU B 250 11.28 11.97 -22.12
C LEU B 250 12.57 12.69 -22.45
N LYS B 251 12.54 14.01 -22.40
CA LYS B 251 13.75 14.81 -22.65
C LYS B 251 14.80 14.53 -21.58
N ALA B 252 14.34 14.28 -20.36
CA ALA B 252 15.24 13.96 -19.26
C ALA B 252 15.87 12.58 -19.46
N ARG B 253 15.11 11.66 -20.02
CA ARG B 253 15.61 10.32 -20.30
C ARG B 253 16.74 10.39 -21.32
N VAL B 254 16.53 11.19 -22.35
CA VAL B 254 17.56 11.43 -23.35
C VAL B 254 18.83 11.95 -22.68
N ALA B 255 18.69 12.93 -21.82
CA ALA B 255 19.82 13.51 -21.11
C ALA B 255 20.46 12.48 -20.19
N LEU B 256 19.62 11.70 -19.53
CA LEU B 256 20.08 10.68 -18.60
C LEU B 256 20.86 9.60 -19.35
N LEU B 257 20.33 9.16 -20.48
CA LEU B 257 20.95 8.12 -21.29
C LEU B 257 22.34 8.55 -21.76
N ALA B 258 22.44 9.77 -22.26
CA ALA B 258 23.72 10.30 -22.71
C ALA B 258 24.73 10.33 -21.57
N SER B 259 24.28 10.80 -20.40
CA SER B 259 25.13 10.87 -19.23
C SER B 259 25.61 9.49 -18.77
N LEU B 260 24.71 8.51 -18.79
CA LEU B 260 25.05 7.14 -18.44
C LEU B 260 26.10 6.57 -19.37
N GLN B 261 25.91 6.76 -20.67
CA GLN B 261 26.83 6.22 -21.67
C GLN B 261 28.17 6.94 -21.63
N ASP B 262 28.21 8.07 -20.94
CA ASP B 262 29.44 8.83 -20.80
C ASP B 262 30.01 8.67 -19.37
N GLY B 263 29.55 7.65 -18.66
CA GLY B 263 30.13 7.28 -17.39
C GLY B 263 29.91 8.29 -16.26
N ALA B 264 28.80 9.02 -16.29
CA ALA B 264 28.52 10.03 -15.27
C ALA B 264 28.25 9.43 -13.88
N PHE B 265 27.71 8.22 -13.82
CA PHE B 265 27.26 7.68 -12.53
C PHE B 265 28.22 6.67 -11.94
N GLN B 266 29.15 7.15 -11.12
CA GLN B 266 30.14 6.28 -10.48
C GLN B 266 29.85 6.14 -9.01
N ASN B 267 29.38 7.23 -8.41
CA ASN B 267 29.10 7.29 -6.98
C ASN B 267 27.95 6.37 -6.56
N ALA B 268 28.18 5.57 -5.52
CA ALA B 268 27.20 4.57 -5.06
C ALA B 268 25.88 5.19 -4.61
N LEU B 269 25.92 6.31 -3.88
CA LEU B 269 24.68 6.95 -3.46
C LEU B 269 23.85 7.45 -4.64
N MET B 270 24.50 8.07 -5.61
CA MET B 270 23.85 8.54 -6.83
C MET B 270 23.19 7.39 -7.59
N ILE B 271 23.90 6.27 -7.71
CA ILE B 271 23.35 5.08 -8.34
C ILE B 271 22.13 4.57 -7.58
N SER B 272 22.21 4.62 -6.26
CA SER B 272 21.13 4.13 -5.41
C SER B 272 19.89 5.02 -5.55
N GLN B 273 20.07 6.27 -5.94
CA GLN B 273 18.92 7.15 -6.14
C GLN B 273 18.34 7.00 -7.55
N LEU B 274 19.17 6.51 -8.48
CA LEU B 274 18.76 6.37 -9.88
C LEU B 274 18.11 5.00 -10.18
N LEU B 275 18.64 3.94 -9.57
CA LEU B 275 18.14 2.58 -9.83
C LEU B 275 16.63 2.40 -9.63
N PRO B 276 16.04 3.00 -8.58
CA PRO B 276 14.58 2.88 -8.48
C PRO B 276 13.86 3.44 -9.70
N VAL B 277 14.28 4.62 -10.16
CA VAL B 277 13.70 5.25 -11.34
C VAL B 277 13.70 4.30 -12.54
N LEU B 278 14.84 3.63 -12.75
CA LEU B 278 14.97 2.73 -13.90
C LEU B 278 14.11 1.47 -13.76
N ASN B 279 13.57 1.29 -12.55
CA ASN B 279 12.66 0.16 -12.24
C ASN B 279 11.28 0.73 -11.95
N HIS B 280 10.99 1.91 -12.50
CA HIS B 280 9.67 2.55 -12.38
C HIS B 280 9.20 2.61 -10.93
N LYS B 281 10.13 2.77 -10.00
CA LYS B 281 9.78 2.87 -8.59
C LYS B 281 10.40 4.10 -7.95
N THR B 282 9.80 4.52 -6.84
CA THR B 282 10.28 5.68 -6.11
C THR B 282 10.24 5.34 -4.61
N TYR B 283 10.72 6.25 -3.78
CA TYR B 283 10.63 6.09 -2.34
C TYR B 283 9.17 5.99 -1.85
N ILE B 284 8.23 6.52 -2.63
CA ILE B 284 6.81 6.47 -2.25
C ILE B 284 6.26 5.04 -2.33
N ASP B 285 6.93 4.18 -3.11
CA ASP B 285 6.56 2.77 -3.18
C ASP B 285 6.88 2.04 -1.85
N LEU B 286 7.46 2.75 -0.90
CA LEU B 286 7.77 2.17 0.40
C LEU B 286 6.57 2.28 1.35
N ILE B 287 5.50 2.91 0.89
CA ILE B 287 4.25 2.89 1.64
C ILE B 287 3.65 1.49 1.55
N PHE B 288 3.52 0.96 0.33
CA PHE B 288 3.07 -0.41 0.12
C PHE B 288 4.13 -1.21 -0.64
N PRO B 289 5.20 -1.60 0.06
CA PRO B 289 6.33 -2.27 -0.59
C PRO B 289 5.95 -3.64 -1.15
N ASP B 290 6.57 -4.02 -2.27
CA ASP B 290 6.43 -5.33 -2.88
C ASP B 290 7.78 -6.04 -2.80
N CYS B 291 8.03 -6.73 -1.70
CA CYS B 291 9.36 -7.24 -1.39
C CYS B 291 9.73 -8.50 -2.15
N LEU B 292 8.73 -9.18 -2.68
CA LEU B 292 8.96 -10.47 -3.33
C LEU B 292 8.91 -10.39 -4.85
N ALA B 293 8.80 -9.18 -5.39
CA ALA B 293 8.90 -8.99 -6.83
C ALA B 293 10.23 -9.53 -7.32
N PRO B 294 10.26 -10.32 -8.43
CA PRO B 294 11.48 -10.92 -8.84
C PRO B 294 12.50 -9.87 -9.26
N ARG B 295 13.75 -10.16 -9.00
CA ARG B 295 14.88 -9.28 -9.33
C ARG B 295 16.04 -10.12 -9.84
N VAL B 296 16.79 -9.60 -10.78
CA VAL B 296 17.89 -10.35 -11.38
C VAL B 296 19.09 -10.37 -10.45
N MET B 297 19.64 -11.56 -10.24
CA MET B 297 20.82 -11.71 -9.39
C MET B 297 22.05 -11.03 -10.01
N LEU B 298 22.65 -10.12 -9.27
CA LEU B 298 23.88 -9.46 -9.72
C LEU B 298 25.08 -10.34 -9.46
N GLU B 299 25.88 -10.54 -10.50
CA GLU B 299 27.14 -11.26 -10.36
C GLU B 299 28.29 -10.26 -10.51
N PRO B 300 29.42 -10.53 -9.83
CA PRO B 300 30.55 -9.59 -9.91
C PRO B 300 31.01 -9.41 -11.34
N ALA B 301 31.22 -8.18 -11.77
CA ALA B 301 31.72 -7.98 -13.11
C ALA B 301 33.13 -8.53 -13.19
N ALA B 302 33.30 -9.64 -13.89
CA ALA B 302 34.64 -10.13 -14.15
C ALA B 302 35.25 -9.04 -14.97
N GLU B 303 36.37 -8.51 -14.53
CA GLU B 303 36.90 -7.36 -15.22
C GLU B 303 38.32 -7.03 -14.88
N THR B 304 39.18 -7.01 -15.90
CA THR B 304 40.63 -6.72 -15.69
C THR B 304 40.86 -5.28 -15.19
N ILE B 305 42.07 -4.98 -14.72
CA ILE B 305 42.40 -3.60 -14.29
C ILE B 305 43.69 -3.23 -15.02
N PRO B 306 43.61 -2.81 -16.29
CA PRO B 306 44.81 -2.55 -17.08
C PRO B 306 45.61 -1.40 -16.47
N GLN B 307 46.92 -1.56 -16.46
CA GLN B 307 47.78 -0.51 -15.88
C GLN B 307 47.72 0.73 -16.74
N THR B 308 47.62 1.90 -16.11
CA THR B 308 47.72 3.16 -16.87
C THR B 308 49.20 3.49 -16.90
N GLN B 309 49.68 4.12 -17.96
CA GLN B 309 51.11 4.27 -18.01
C GLN B 309 51.43 5.76 -18.03
N GLU B 310 50.40 6.60 -18.06
CA GLU B 310 50.64 8.02 -18.23
C GLU B 310 50.58 8.82 -16.92
N ILE B 311 51.49 9.79 -16.84
CA ILE B 311 51.53 10.75 -15.74
C ILE B 311 50.84 12.05 -16.14
N ILE B 312 49.99 12.58 -15.27
CA ILE B 312 49.42 13.89 -15.52
C ILE B 312 49.82 14.85 -14.39
N SER B 313 49.77 16.15 -14.67
CA SER B 313 50.03 17.13 -13.64
C SER B 313 48.80 18.01 -13.44
N VAL B 314 48.42 18.17 -12.18
CA VAL B 314 47.28 18.98 -11.78
C VAL B 314 47.72 20.08 -10.84
N THR B 315 47.25 21.31 -11.07
CA THR B 315 47.54 22.40 -10.16
C THR B 315 46.50 22.45 -9.05
N LEU B 316 46.95 22.35 -7.81
CA LEU B 316 46.06 22.47 -6.66
C LEU B 316 46.24 23.87 -6.06
N GLN B 317 45.14 24.58 -5.83
CA GLN B 317 45.28 25.90 -5.22
C GLN B 317 44.21 26.22 -4.18
N VAL B 318 44.63 26.95 -3.15
CA VAL B 318 43.74 27.40 -2.07
C VAL B 318 44.04 28.88 -1.86
N LEU B 319 43.07 29.73 -2.17
CA LEU B 319 43.27 31.17 -2.05
C LEU B 319 42.55 31.71 -0.83
N SER B 320 41.80 30.84 -0.16
CA SER B 320 41.03 31.21 1.03
C SER B 320 41.89 31.38 2.27
N LEU B 321 43.19 31.08 2.18
CA LEU B 321 44.08 31.16 3.34
C LEU B 321 45.31 32.00 3.04
N LEU B 322 45.83 32.67 4.06
CA LEU B 322 47.09 33.39 3.96
C LEU B 322 48.15 32.72 4.83
N PRO B 323 49.32 32.41 4.24
CA PRO B 323 49.61 32.61 2.82
C PRO B 323 48.91 31.60 1.92
N PRO B 324 48.66 31.97 0.66
CA PRO B 324 47.89 31.08 -0.22
C PRO B 324 48.72 29.88 -0.67
N TYR B 325 48.04 28.84 -1.09
CA TYR B 325 48.71 27.63 -1.56
C TYR B 325 48.49 27.47 -3.05
N ARG B 326 49.56 27.19 -3.78
CA ARG B 326 49.42 26.86 -5.19
C ARG B 326 50.57 25.99 -5.67
N GLN B 327 50.28 24.72 -5.96
CA GLN B 327 51.35 23.81 -6.36
C GLN B 327 50.93 22.87 -7.50
N SER B 328 51.86 22.58 -8.40
CA SER B 328 51.62 21.59 -9.44
C SER B 328 51.92 20.19 -8.90
N ILE B 329 50.94 19.30 -9.01
CA ILE B 329 51.04 17.95 -8.44
C ILE B 329 50.98 16.91 -9.54
N SER B 330 51.97 16.01 -9.59
CA SER B 330 51.96 14.93 -10.57
C SER B 330 51.34 13.65 -10.02
N VAL B 331 50.36 13.11 -10.73
CA VAL B 331 49.75 11.83 -10.37
C VAL B 331 49.55 10.94 -11.62
N LEU B 332 49.25 9.67 -11.39
CA LEU B 332 48.89 8.78 -12.50
C LEU B 332 47.59 9.24 -13.11
N ALA B 333 47.49 9.16 -14.44
CA ALA B 333 46.22 9.47 -15.11
C ALA B 333 45.10 8.58 -14.58
N GLY B 334 43.95 9.19 -14.30
CA GLY B 334 42.83 8.44 -13.76
C GLY B 334 42.69 8.62 -12.26
N SER B 335 43.65 9.31 -11.65
CA SER B 335 43.62 9.60 -10.22
C SER B 335 42.49 10.59 -9.90
N THR B 336 41.98 10.50 -8.67
CA THR B 336 40.94 11.41 -8.21
C THR B 336 41.53 12.68 -7.59
N VAL B 337 40.67 13.66 -7.32
CA VAL B 337 41.08 14.85 -6.58
C VAL B 337 41.63 14.43 -5.22
N GLU B 338 41.03 13.41 -4.61
CA GLU B 338 41.56 12.94 -3.32
C GLU B 338 43.00 12.44 -3.43
N ASP B 339 43.33 11.79 -4.54
CA ASP B 339 44.71 11.35 -4.79
C ASP B 339 45.64 12.57 -4.89
N VAL B 340 45.16 13.63 -5.54
CA VAL B 340 45.94 14.85 -5.64
C VAL B 340 46.20 15.42 -4.23
N LEU B 341 45.16 15.43 -3.40
CA LEU B 341 45.30 15.93 -2.04
C LEU B 341 46.30 15.11 -1.24
N LYS B 342 46.24 13.78 -1.38
CA LYS B 342 47.16 12.91 -0.70
C LYS B 342 48.59 13.21 -1.13
N LYS B 343 48.80 13.35 -2.43
CA LYS B 343 50.12 13.64 -2.95
C LYS B 343 50.64 14.98 -2.46
N ALA B 344 49.76 15.98 -2.41
CA ALA B 344 50.13 17.30 -1.92
C ALA B 344 50.58 17.20 -0.47
N HIS B 345 49.85 16.41 0.32
CA HIS B 345 50.20 16.20 1.73
C HIS B 345 51.56 15.52 1.86
N GLU B 346 51.83 14.54 1.00
CA GLU B 346 53.10 13.82 1.00
C GLU B 346 54.28 14.73 0.64
N LEU B 347 54.04 15.71 -0.22
CA LEU B 347 55.10 16.61 -0.66
C LEU B 347 55.44 17.62 0.44
N GLY B 348 54.58 17.73 1.44
CA GLY B 348 54.81 18.65 2.54
C GLY B 348 54.20 20.03 2.28
N GLY B 349 53.75 20.69 3.33
CA GLY B 349 53.19 22.02 3.22
C GLY B 349 51.69 22.03 2.92
N PHE B 350 51.05 20.87 3.04
CA PHE B 350 49.61 20.78 2.80
C PHE B 350 48.98 19.73 3.69
N THR B 351 47.88 20.09 4.34
CA THR B 351 47.09 19.14 5.12
C THR B 351 45.61 19.35 4.84
N TYR B 352 44.80 18.37 5.21
CA TYR B 352 43.36 18.44 5.01
C TYR B 352 42.71 17.39 5.89
N GLU B 353 41.40 17.49 6.06
CA GLU B 353 40.66 16.49 6.82
C GLU B 353 39.36 16.20 6.11
N THR B 354 38.91 14.96 6.19
CA THR B 354 37.62 14.55 5.65
C THR B 354 36.82 13.83 6.72
N GLN B 355 35.51 13.70 6.51
CA GLN B 355 34.69 12.85 7.37
C GLN B 355 33.80 11.97 6.48
N ALA B 356 33.43 10.80 7.00
CA ALA B 356 32.64 9.83 6.24
C ALA B 356 31.24 10.36 6.06
N SER B 357 30.63 10.05 4.93
CA SER B 357 29.24 10.34 4.69
C SER B 357 28.70 9.28 3.75
N LEU B 358 27.39 9.30 3.48
CA LEU B 358 26.81 8.29 2.61
C LEU B 358 27.21 8.52 1.15
N SER B 359 27.72 9.72 0.84
CA SER B 359 28.18 10.01 -0.50
C SER B 359 29.69 9.73 -0.65
N GLY B 360 30.35 9.33 0.44
CA GLY B 360 31.79 9.16 0.44
C GLY B 360 32.49 10.25 1.27
N PRO B 361 33.82 10.38 1.13
CA PRO B 361 34.58 11.35 1.93
C PRO B 361 34.20 12.81 1.65
N TYR B 362 33.81 13.50 2.71
CA TYR B 362 33.42 14.89 2.67
C TYR B 362 34.55 15.76 3.20
N LEU B 363 35.02 16.72 2.41
CA LEU B 363 36.14 17.57 2.79
C LEU B 363 35.70 18.61 3.83
N THR B 364 36.29 18.56 5.02
CA THR B 364 35.84 19.40 6.12
C THR B 364 36.87 20.44 6.57
N SER B 365 38.14 20.18 6.26
CA SER B 365 39.19 21.06 6.70
C SER B 365 40.32 21.09 5.67
N VAL B 366 40.93 22.26 5.50
CA VAL B 366 42.03 22.45 4.56
C VAL B 366 43.11 23.29 5.20
N MET B 367 44.31 22.73 5.29
CA MET B 367 45.44 23.42 5.89
C MET B 367 45.15 24.01 7.25
N GLY B 368 44.45 23.23 8.08
CA GLY B 368 44.20 23.62 9.44
C GLY B 368 42.90 24.40 9.62
N LYS B 369 42.30 24.83 8.51
CA LYS B 369 41.10 25.65 8.59
C LYS B 369 39.84 24.82 8.33
N ALA B 370 39.08 24.60 9.40
CA ALA B 370 37.84 23.84 9.29
C ALA B 370 36.66 24.74 8.90
N ALA B 371 35.77 24.23 8.09
CA ALA B 371 34.54 24.94 7.75
C ALA B 371 33.65 25.09 8.98
N GLY B 372 33.11 26.28 9.19
CA GLY B 372 32.20 26.55 10.29
C GLY B 372 30.73 26.47 9.89
N GLU B 373 29.89 27.12 10.70
CA GLU B 373 28.43 27.10 10.50
C GLU B 373 28.03 27.72 9.17
N ARG B 374 27.19 27.02 8.40
CA ARG B 374 26.77 27.46 7.08
C ARG B 374 27.98 27.79 6.19
N GLU B 375 29.07 27.04 6.37
CA GLU B 375 30.23 27.15 5.50
C GLU B 375 30.65 25.79 4.98
N PHE B 376 31.29 25.76 3.81
CA PHE B 376 31.91 24.54 3.36
C PHE B 376 33.04 24.81 2.38
N TRP B 377 33.92 23.84 2.26
CA TRP B 377 34.99 23.89 1.28
C TRP B 377 34.45 23.46 -0.08
N GLN B 378 34.28 24.43 -0.97
CA GLN B 378 33.77 24.18 -2.31
C GLN B 378 34.88 23.72 -3.26
N LEU B 379 34.57 22.74 -4.10
CA LEU B 379 35.51 22.22 -5.07
C LEU B 379 35.25 22.86 -6.44
N LEU B 380 36.28 23.44 -7.06
CA LEU B 380 36.12 24.04 -8.39
C LEU B 380 37.20 23.61 -9.36
N ARG B 381 36.88 23.67 -10.65
CA ARG B 381 37.88 23.51 -11.70
C ARG B 381 37.91 24.80 -12.51
N ASP B 382 38.88 24.90 -13.41
CA ASP B 382 39.02 26.11 -14.20
C ASP B 382 38.03 26.10 -15.36
N PRO B 383 37.35 27.23 -15.62
CA PRO B 383 37.44 28.49 -14.86
C PRO B 383 36.25 28.74 -13.93
N ASN B 384 36.54 28.84 -12.62
CA ASN B 384 35.53 29.16 -11.62
C ASN B 384 34.26 28.30 -11.73
N THR B 385 34.46 27.01 -11.97
CA THR B 385 33.37 26.09 -12.21
C THR B 385 33.30 25.02 -11.12
N PRO B 386 32.24 25.06 -10.31
CA PRO B 386 32.07 24.08 -9.23
C PRO B 386 32.01 22.64 -9.76
N LEU B 387 32.69 21.72 -9.10
CA LEU B 387 32.62 20.31 -9.47
C LEU B 387 31.21 19.75 -9.19
N LEU B 388 30.82 18.73 -9.96
CA LEU B 388 29.56 18.03 -9.73
C LEU B 388 29.81 16.70 -9.05
N GLN B 389 31.07 16.44 -8.71
CA GLN B 389 31.46 15.23 -7.99
C GLN B 389 32.38 15.60 -6.83
N GLY B 390 32.49 14.73 -5.83
CA GLY B 390 33.36 14.97 -4.69
C GLY B 390 34.79 14.56 -4.94
N ILE B 391 35.64 14.74 -3.92
CA ILE B 391 37.07 14.51 -4.08
C ILE B 391 37.43 13.08 -4.48
N ALA B 392 36.59 12.11 -4.10
CA ALA B 392 36.89 10.70 -4.39
C ALA B 392 36.31 10.20 -5.72
N ASP B 393 35.57 11.06 -6.41
CA ASP B 393 34.93 10.68 -7.67
C ASP B 393 35.41 11.52 -8.85
N TYR B 394 35.68 12.81 -8.63
CA TYR B 394 36.12 13.63 -9.75
C TYR B 394 37.56 13.26 -10.14
N ARG B 395 37.77 12.98 -11.42
CA ARG B 395 39.10 12.62 -11.93
C ARG B 395 39.59 13.70 -12.90
N PRO B 396 40.48 14.58 -12.42
CA PRO B 396 40.95 15.71 -13.23
C PRO B 396 41.76 15.31 -14.46
N LYS B 397 41.67 16.11 -15.50
CA LYS B 397 42.45 15.88 -16.70
C LYS B 397 43.80 16.58 -16.57
N ASP B 398 44.74 16.16 -17.41
CA ASP B 398 46.06 16.77 -17.42
C ASP B 398 45.96 18.28 -17.65
N GLY B 399 46.64 19.06 -16.82
CA GLY B 399 46.69 20.51 -16.99
C GLY B 399 45.58 21.24 -16.26
N GLU B 400 44.68 20.48 -15.64
CA GLU B 400 43.57 21.08 -14.91
C GLU B 400 44.05 21.81 -13.65
N THR B 401 43.30 22.81 -13.24
CA THR B 401 43.53 23.49 -11.97
C THR B 401 42.34 23.23 -11.04
N ILE B 402 42.61 22.64 -9.89
CA ILE B 402 41.58 22.38 -8.89
C ILE B 402 41.71 23.37 -7.74
N GLU B 403 40.61 24.03 -7.41
CA GLU B 403 40.63 25.00 -6.33
C GLU B 403 39.75 24.54 -5.17
N LEU B 404 40.26 24.70 -3.95
CA LEU B 404 39.47 24.52 -2.74
C LEU B 404 39.17 25.91 -2.19
N ARG B 405 37.88 26.23 -2.07
CA ARG B 405 37.46 27.58 -1.69
C ARG B 405 36.49 27.55 -0.53
N LEU B 406 36.81 28.25 0.56
CA LEU B 406 35.93 28.26 1.72
C LEU B 406 34.81 29.25 1.45
N VAL B 407 33.59 28.75 1.36
CA VAL B 407 32.48 29.65 1.02
C VAL B 407 31.39 29.59 2.07
N SER B 408 30.57 30.63 2.10
CA SER B 408 29.43 30.70 3.00
C SER B 408 28.12 30.58 2.20
N TRP B 409 27.13 29.89 2.76
CA TRP B 409 25.88 29.68 2.02
C TRP B 409 24.66 29.78 2.91
N SER C 2 -12.88 -12.66 38.63
CA SER C 2 -14.07 -11.86 38.40
C SER C 2 -14.93 -12.37 37.25
N CYS C 3 -14.35 -13.34 36.54
CA CYS C 3 -15.00 -13.83 35.30
C CYS C 3 -15.06 -15.36 35.39
N PRO C 4 -15.82 -16.06 34.53
CA PRO C 4 -16.01 -17.50 34.71
C PRO C 4 -14.76 -18.37 34.59
N PRO C 5 -14.71 -19.47 35.35
CA PRO C 5 -13.59 -20.40 35.26
C PRO C 5 -13.55 -21.06 33.88
N THR C 6 -12.36 -21.43 33.39
CA THR C 6 -12.12 -22.02 32.04
C THR C 6 -11.89 -20.84 31.08
N LYS C 7 -12.03 -19.62 31.57
CA LYS C 7 -11.65 -18.46 30.73
C LYS C 7 -10.63 -17.63 31.51
N PHE C 8 -9.47 -17.36 30.93
CA PHE C 8 -8.45 -16.49 31.56
C PHE C 8 -8.94 -15.05 31.55
N GLN C 9 -8.56 -14.24 32.53
CA GLN C 9 -8.99 -12.83 32.44
C GLN C 9 -7.77 -11.99 32.07
N CYS C 10 -7.87 -11.17 31.02
CA CYS C 10 -6.79 -10.21 30.71
C CYS C 10 -6.72 -9.23 31.86
N ARG C 11 -5.64 -9.22 32.63
CA ARG C 11 -5.68 -8.39 33.86
C ARG C 11 -5.80 -6.87 33.65
N THR C 12 -5.04 -6.24 32.76
CA THR C 12 -5.20 -4.75 32.66
C THR C 12 -6.58 -4.41 32.14
N SER C 13 -6.99 -5.13 31.10
CA SER C 13 -8.29 -4.88 30.46
C SER C 13 -9.43 -5.21 31.42
N GLY C 14 -9.28 -6.29 32.17
CA GLY C 14 -10.42 -6.78 32.97
C GLY C 14 -11.33 -7.62 32.09
N LEU C 15 -10.93 -7.87 30.83
CA LEU C 15 -11.74 -8.65 29.87
C LEU C 15 -11.46 -10.14 30.05
N CYS C 16 -12.33 -11.00 29.57
CA CYS C 16 -12.04 -12.43 29.89
C CYS C 16 -11.92 -13.23 28.59
N VAL C 17 -10.90 -14.08 28.45
CA VAL C 17 -10.64 -14.80 27.17
C VAL C 17 -10.41 -16.30 27.41
N PRO C 18 -10.66 -17.18 26.43
CA PRO C 18 -10.54 -18.63 26.63
C PRO C 18 -9.14 -19.20 26.87
N LEU C 19 -9.08 -20.30 27.61
CA LEU C 19 -7.80 -20.97 27.94
C LEU C 19 -7.08 -21.46 26.69
N THR C 20 -7.80 -21.97 25.70
CA THR C 20 -7.12 -22.36 24.44
C THR C 20 -6.12 -21.27 24.08
N TRP C 21 -6.50 -20.01 24.26
CA TRP C 21 -5.66 -18.87 23.90
C TRP C 21 -4.58 -18.61 24.94
N ARG C 22 -4.60 -19.38 26.02
CA ARG C 22 -3.62 -19.24 27.09
C ARG C 22 -2.35 -19.95 26.68
N CYS C 23 -1.28 -19.15 26.56
CA CYS C 23 0.05 -19.65 26.15
C CYS C 23 -0.10 -20.26 24.75
N ASP C 24 -0.41 -19.43 23.77
CA ASP C 24 -0.62 -19.92 22.42
C ASP C 24 0.06 -19.03 21.41
N ARG C 25 1.05 -18.28 21.89
CA ARG C 25 1.93 -17.43 21.07
C ARG C 25 1.24 -16.19 20.51
N ASP C 26 -0.08 -16.11 20.66
CA ASP C 26 -0.80 -14.92 20.19
C ASP C 26 -1.08 -13.93 21.34
N LEU C 27 -0.96 -12.64 21.05
CA LEU C 27 -1.29 -11.62 22.02
C LEU C 27 -2.77 -11.26 21.91
N ASP C 28 -3.59 -11.98 22.66
CA ASP C 28 -5.04 -11.79 22.62
C ASP C 28 -5.47 -10.72 23.63
N CYS C 29 -4.69 -10.57 24.69
CA CYS C 29 -4.95 -9.54 25.69
C CYS C 29 -4.15 -8.29 25.37
N SER C 30 -4.70 -7.12 25.71
CA SER C 30 -3.89 -5.89 25.55
C SER C 30 -2.71 -5.96 26.52
N ASP C 31 -2.87 -6.68 27.62
CA ASP C 31 -1.82 -6.74 28.67
C ASP C 31 -0.88 -7.92 28.43
N GLY C 32 -1.03 -8.62 27.31
CA GLY C 32 -0.21 -9.78 26.99
C GLY C 32 -0.07 -10.75 28.15
N SER C 33 -0.99 -10.68 29.11
CA SER C 33 -0.95 -11.57 30.27
C SER C 33 -1.17 -13.03 29.86
N ASP C 34 -1.95 -13.23 28.79
CA ASP C 34 -2.31 -14.56 28.34
C ASP C 34 -1.10 -15.40 27.89
N GLU C 35 0.03 -14.75 27.68
CA GLU C 35 1.14 -15.53 27.11
C GLU C 35 2.17 -15.87 28.19
N GLU C 36 2.78 -14.86 28.82
CA GLU C 36 3.86 -15.17 29.78
C GLU C 36 3.25 -15.96 30.93
N GLU C 37 2.07 -15.56 31.39
CA GLU C 37 1.37 -16.35 32.44
C GLU C 37 0.91 -17.67 31.84
N CYS C 38 1.02 -18.76 32.60
CA CYS C 38 0.61 -20.11 32.12
C CYS C 38 0.10 -20.93 33.29
N LEU C 79 -4.47 -38.67 0.70
CA LEU C 79 -4.94 -37.38 0.23
C LEU C 79 -4.16 -36.94 -1.00
N ALA C 80 -4.84 -36.62 -2.10
CA ALA C 80 -4.15 -36.08 -3.26
C ALA C 80 -4.42 -34.59 -3.36
N CYS C 81 -3.49 -33.82 -3.92
CA CYS C 81 -3.78 -32.42 -4.20
C CYS C 81 -4.48 -32.28 -5.55
N LEU C 82 -5.35 -31.29 -5.66
CA LEU C 82 -6.00 -31.01 -6.93
C LEU C 82 -4.98 -30.43 -7.89
N ALA C 83 -5.23 -30.58 -9.19
CA ALA C 83 -4.34 -29.98 -10.18
C ALA C 83 -4.31 -28.47 -9.99
N GLY C 84 -3.12 -27.89 -10.09
CA GLY C 84 -2.98 -26.45 -9.87
C GLY C 84 -2.79 -26.11 -8.41
N GLU C 85 -2.72 -27.14 -7.57
CA GLU C 85 -2.44 -26.94 -6.15
C GLU C 85 -1.08 -27.52 -5.77
N LEU C 86 -0.58 -27.14 -4.60
CA LEU C 86 0.71 -27.61 -4.11
C LEU C 86 0.59 -27.94 -2.62
N ARG C 87 1.31 -28.97 -2.19
CA ARG C 87 1.23 -29.43 -0.80
C ARG C 87 2.21 -28.69 0.10
N CYS C 88 1.73 -28.32 1.29
CA CYS C 88 2.58 -27.72 2.31
C CYS C 88 3.59 -28.75 2.83
N THR C 89 4.85 -28.36 2.91
CA THR C 89 5.96 -29.29 3.13
C THR C 89 5.80 -30.16 4.38
N LEU C 90 5.39 -29.55 5.49
CA LEU C 90 5.35 -30.26 6.76
C LEU C 90 3.95 -30.78 7.16
N SER C 91 2.97 -30.65 6.28
CA SER C 91 1.60 -31.07 6.61
C SER C 91 0.82 -31.66 5.43
N ASP C 92 -0.46 -31.94 5.69
CA ASP C 92 -1.40 -32.49 4.70
C ASP C 92 -1.97 -31.45 3.75
N ASP C 93 -1.81 -30.19 4.12
CA ASP C 93 -2.54 -29.11 3.47
C ASP C 93 -2.16 -28.88 2.02
N CYS C 94 -3.17 -28.58 1.21
CA CYS C 94 -2.95 -28.14 -0.15
C CYS C 94 -3.41 -26.69 -0.30
N ILE C 95 -2.63 -25.92 -1.05
CA ILE C 95 -3.01 -24.55 -1.37
C ILE C 95 -2.88 -24.38 -2.87
N PRO C 96 -3.59 -23.39 -3.45
CA PRO C 96 -3.40 -23.14 -4.88
C PRO C 96 -1.98 -22.68 -5.18
N LEU C 97 -1.45 -23.01 -6.35
CA LEU C 97 -0.10 -22.58 -6.74
C LEU C 97 0.07 -21.07 -6.67
N THR C 98 -1.01 -20.34 -6.90
CA THR C 98 -0.95 -18.89 -6.94
C THR C 98 -0.75 -18.29 -5.55
N TRP C 99 -0.83 -19.12 -4.51
CA TRP C 99 -0.59 -18.61 -3.14
C TRP C 99 0.88 -18.71 -2.79
N ARG C 100 1.64 -19.28 -3.72
CA ARG C 100 3.10 -19.31 -3.51
C ARG C 100 3.61 -17.88 -3.66
N CYS C 101 4.45 -17.47 -2.75
CA CYS C 101 5.07 -16.15 -2.81
C CYS C 101 4.07 -15.00 -2.96
N ASP C 102 2.97 -15.01 -2.22
CA ASP C 102 2.02 -13.90 -2.33
C ASP C 102 2.08 -12.97 -1.11
N GLY C 103 3.07 -13.19 -0.25
CA GLY C 103 3.32 -12.30 0.88
C GLY C 103 2.64 -12.73 2.17
N HIS C 104 1.87 -13.81 2.13
CA HIS C 104 1.16 -14.28 3.31
C HIS C 104 1.37 -15.79 3.51
N PRO C 105 1.71 -16.20 4.74
CA PRO C 105 1.94 -17.63 5.03
C PRO C 105 0.64 -18.41 5.14
N ASP C 106 0.28 -19.10 4.07
CA ASP C 106 -0.96 -19.87 4.06
C ASP C 106 -0.72 -21.28 4.57
N CYS C 107 0.54 -21.69 4.57
CA CYS C 107 0.92 -22.96 5.16
C CYS C 107 1.29 -22.78 6.62
N PRO C 108 0.91 -23.75 7.47
CA PRO C 108 1.26 -23.77 8.90
C PRO C 108 2.75 -23.56 9.13
N ASP C 109 3.59 -24.15 8.27
CA ASP C 109 5.03 -24.01 8.41
C ASP C 109 5.58 -22.87 7.54
N SER C 110 4.67 -22.12 6.92
CA SER C 110 5.03 -20.97 6.10
C SER C 110 5.94 -21.33 4.92
N SER C 111 5.90 -22.60 4.51
CA SER C 111 6.77 -23.08 3.44
C SER C 111 6.42 -22.46 2.08
N ASP C 112 5.20 -21.94 1.94
CA ASP C 112 4.81 -21.32 0.68
C ASP C 112 5.43 -19.94 0.49
N GLU C 113 5.99 -19.39 1.55
CA GLU C 113 6.68 -18.11 1.36
C GLU C 113 8.17 -18.31 1.66
N LEU C 114 8.51 -19.45 2.30
CA LEU C 114 9.91 -19.67 2.71
C LEU C 114 10.80 -19.72 1.48
N GLY C 115 10.34 -20.36 0.42
CA GLY C 115 11.21 -20.53 -0.76
C GLY C 115 11.55 -19.17 -1.32
N CYS C 116 10.57 -18.28 -1.34
CA CYS C 116 10.80 -16.94 -1.93
C CYS C 116 11.87 -16.21 -1.12
N GLY C 117 12.75 -15.49 -1.81
CA GLY C 117 13.81 -14.73 -1.13
C GLY C 117 14.61 -13.87 -2.12
N SER D 2 28.76 -20.99 17.12
CA SER D 2 29.38 -20.68 15.85
C SER D 2 29.81 -19.23 15.73
N CYS D 3 29.76 -18.49 16.83
CA CYS D 3 30.14 -17.04 16.84
C CYS D 3 30.73 -16.73 18.24
N PRO D 4 31.07 -15.47 18.65
CA PRO D 4 31.80 -15.28 19.91
C PRO D 4 30.97 -15.20 21.18
N PRO D 5 31.63 -14.98 22.33
CA PRO D 5 30.93 -14.68 23.57
C PRO D 5 30.64 -13.20 23.65
N THR D 6 30.34 -12.70 24.84
CA THR D 6 29.73 -11.38 25.11
C THR D 6 28.58 -11.12 24.17
N LYS D 7 27.90 -12.22 23.81
CA LYS D 7 26.86 -12.14 22.79
C LYS D 7 26.12 -13.43 22.40
N PHE D 8 24.81 -13.28 22.12
CA PHE D 8 23.92 -14.44 21.79
C PHE D 8 23.89 -14.71 20.28
N GLN D 9 23.42 -15.89 19.88
CA GLN D 9 23.28 -16.23 18.45
C GLN D 9 21.95 -16.91 18.22
N CYS D 10 21.20 -16.44 17.23
CA CYS D 10 19.97 -17.20 16.92
C CYS D 10 20.30 -18.20 15.82
N ARG D 11 20.14 -19.50 16.14
CA ARG D 11 20.46 -20.57 15.17
C ARG D 11 19.57 -20.57 13.92
N THR D 12 18.25 -20.40 14.07
CA THR D 12 17.39 -20.53 12.86
C THR D 12 17.76 -19.43 11.88
N SER D 13 17.94 -18.23 12.39
CA SER D 13 18.43 -17.14 11.53
C SER D 13 19.84 -17.51 11.08
N GLY D 14 20.61 -18.09 12.00
CA GLY D 14 22.03 -18.36 11.71
C GLY D 14 22.81 -17.09 11.98
N LEU D 15 22.34 -16.27 12.92
CA LEU D 15 22.98 -14.95 13.14
C LEU D 15 23.27 -14.72 14.63
N CYS D 16 24.30 -13.93 14.94
CA CYS D 16 24.72 -13.68 16.34
C CYS D 16 24.39 -12.22 16.69
N VAL D 17 23.71 -11.96 17.81
CA VAL D 17 23.26 -10.58 18.19
C VAL D 17 23.77 -10.18 19.57
N PRO D 18 23.80 -8.89 20.00
CA PRO D 18 24.31 -8.58 21.35
C PRO D 18 23.46 -9.08 22.53
N LEU D 19 24.07 -9.26 23.70
CA LEU D 19 23.37 -9.79 24.88
C LEU D 19 22.44 -8.80 25.56
N THR D 20 22.50 -7.54 25.17
CA THR D 20 21.58 -6.54 25.70
C THR D 20 20.19 -6.79 25.13
N TRP D 21 20.12 -7.67 24.12
CA TRP D 21 18.87 -7.95 23.43
C TRP D 21 18.27 -9.29 23.85
N ARG D 22 19.01 -10.02 24.69
CA ARG D 22 18.57 -11.32 25.18
C ARG D 22 17.58 -11.11 26.31
N CYS D 23 16.34 -11.55 26.07
CA CYS D 23 15.26 -11.41 27.07
C CYS D 23 15.01 -9.92 27.30
N ASP D 24 14.58 -9.24 26.25
CA ASP D 24 14.39 -7.81 26.38
C ASP D 24 13.07 -7.39 25.72
N ARG D 25 12.17 -8.37 25.59
CA ARG D 25 10.80 -8.16 25.10
C ARG D 25 10.73 -7.84 23.61
N ASP D 26 11.86 -7.60 22.97
CA ASP D 26 11.86 -7.34 21.53
C ASP D 26 12.22 -8.59 20.72
N LEU D 27 11.54 -8.78 19.60
CA LEU D 27 11.86 -9.88 18.69
C LEU D 27 12.93 -9.46 17.70
N ASP D 28 14.19 -9.66 18.09
CA ASP D 28 15.32 -9.24 17.28
C ASP D 28 15.73 -10.35 16.30
N CYS D 29 15.44 -11.59 16.69
CA CYS D 29 15.70 -12.73 15.83
C CYS D 29 14.46 -13.09 15.03
N SER D 30 14.66 -13.66 13.85
CA SER D 30 13.48 -14.16 13.11
C SER D 30 12.86 -15.28 13.95
N ASP D 31 13.70 -16.12 14.55
CA ASP D 31 13.20 -17.31 15.29
C ASP D 31 12.67 -16.94 16.66
N GLY D 32 12.74 -15.67 17.02
CA GLY D 32 12.33 -15.26 18.36
C GLY D 32 13.02 -16.04 19.46
N SER D 33 14.15 -16.65 19.15
CA SER D 33 14.90 -17.42 20.14
C SER D 33 15.44 -16.52 21.25
N ASP D 34 15.73 -15.27 20.91
CA ASP D 34 16.32 -14.32 21.86
C ASP D 34 15.42 -14.02 23.05
N GLU D 35 14.13 -14.36 22.90
CA GLU D 35 13.15 -14.08 23.98
C GLU D 35 12.35 -15.32 24.29
N GLU D 36 12.58 -16.42 23.58
CA GLU D 36 11.72 -17.62 23.78
C GLU D 36 11.85 -18.12 25.22
N GLU D 37 13.07 -18.13 25.76
CA GLU D 37 13.27 -18.60 27.15
C GLU D 37 13.81 -17.44 27.98
N CYS D 38 13.19 -17.20 29.13
CA CYS D 38 13.60 -16.05 30.00
C CYS D 38 13.50 -16.48 31.45
N LEU D 79 15.39 18.83 37.66
CA LEU D 79 15.14 18.99 36.23
C LEU D 79 13.82 19.72 36.00
N ALA D 80 13.85 20.81 35.24
CA ALA D 80 12.60 21.48 34.89
C ALA D 80 12.26 21.17 33.42
N CYS D 81 10.98 21.15 33.08
CA CYS D 81 10.62 21.05 31.68
C CYS D 81 10.62 22.43 31.04
N LEU D 82 10.95 22.48 29.75
CA LEU D 82 10.88 23.72 29.00
C LEU D 82 9.43 24.09 28.80
N ALA D 83 9.16 25.38 28.60
CA ALA D 83 7.81 25.82 28.31
C ALA D 83 7.31 25.16 27.02
N GLY D 84 6.07 24.70 27.02
CA GLY D 84 5.53 24.01 25.87
C GLY D 84 5.84 22.52 25.88
N GLU D 85 6.49 22.08 26.95
CA GLU D 85 6.77 20.66 27.14
C GLU D 85 5.99 20.09 28.32
N LEU D 86 5.91 18.76 28.39
CA LEU D 86 5.17 18.08 29.46
C LEU D 86 5.99 16.89 29.94
N ARG D 87 5.93 16.61 31.23
CA ARG D 87 6.73 15.53 31.83
C ARG D 87 6.02 14.18 31.75
N CYS D 88 6.77 13.14 31.41
CA CYS D 88 6.25 11.78 31.43
C CYS D 88 5.98 11.35 32.86
N THR D 89 4.81 10.76 33.10
CA THR D 89 4.29 10.52 34.45
C THR D 89 5.25 9.72 35.34
N LEU D 90 5.82 8.65 34.80
CA LEU D 90 6.63 7.74 35.62
C LEU D 90 8.14 7.97 35.51
N SER D 91 8.56 9.03 34.81
CA SER D 91 9.99 9.28 34.62
C SER D 91 10.39 10.76 34.60
N ASP D 92 11.67 11.00 34.32
CA ASP D 92 12.27 12.35 34.24
C ASP D 92 11.98 13.04 32.92
N ASP D 93 11.55 12.26 31.94
CA ASP D 93 11.53 12.71 30.55
C ASP D 93 10.54 13.84 30.29
N CYS D 94 10.96 14.78 29.44
CA CYS D 94 10.05 15.80 28.93
C CYS D 94 9.88 15.60 27.43
N ILE D 95 8.64 15.81 26.96
CA ILE D 95 8.35 15.77 25.55
C ILE D 95 7.56 17.03 25.21
N PRO D 96 7.58 17.45 23.94
CA PRO D 96 6.76 18.59 23.55
C PRO D 96 5.27 18.29 23.75
N LEU D 97 4.47 19.29 24.09
CA LEU D 97 3.01 19.10 24.23
C LEU D 97 2.37 18.51 23.01
N THR D 98 2.93 18.81 21.84
CA THR D 98 2.36 18.36 20.58
C THR D 98 2.54 16.85 20.37
N TRP D 99 3.32 16.21 21.22
CA TRP D 99 3.50 14.75 21.12
C TRP D 99 2.44 14.02 21.91
N ARG D 100 1.60 14.80 22.58
CA ARG D 100 0.47 14.20 23.30
C ARG D 100 -0.52 13.73 22.26
N CYS D 101 -1.00 12.51 22.41
CA CYS D 101 -2.00 11.96 21.52
C CYS D 101 -1.64 12.03 20.05
N ASP D 102 -0.40 11.71 19.68
CA ASP D 102 -0.03 11.73 18.26
C ASP D 102 0.09 10.32 17.66
N GLY D 103 -0.32 9.32 18.44
CA GLY D 103 -0.39 7.95 17.95
C GLY D 103 0.86 7.13 18.22
N HIS D 104 1.87 7.75 18.83
CA HIS D 104 3.11 7.04 19.13
C HIS D 104 3.55 7.29 20.56
N PRO D 105 3.92 6.21 21.29
CA PRO D 105 4.34 6.33 22.69
C PRO D 105 5.75 6.87 22.82
N ASP D 106 5.87 8.17 23.09
CA ASP D 106 7.18 8.78 23.21
C ASP D 106 7.67 8.70 24.64
N CYS D 107 6.76 8.46 25.56
CA CYS D 107 7.12 8.21 26.95
C CYS D 107 7.35 6.72 27.20
N PRO D 108 8.36 6.39 28.01
CA PRO D 108 8.65 5.01 28.42
C PRO D 108 7.41 4.28 28.93
N ASP D 109 6.58 4.98 29.69
CA ASP D 109 5.35 4.39 30.24
C ASP D 109 4.15 4.64 29.34
N SER D 110 4.40 5.24 28.17
CA SER D 110 3.35 5.50 27.18
C SER D 110 2.24 6.40 27.71
N SER D 111 2.55 7.18 28.75
CA SER D 111 1.55 8.03 29.38
C SER D 111 1.07 9.16 28.47
N ASP D 112 1.85 9.49 27.44
CA ASP D 112 1.46 10.55 26.52
C ASP D 112 0.37 10.09 25.55
N GLU D 113 0.15 8.79 25.53
CA GLU D 113 -0.92 8.26 24.65
C GLU D 113 -1.94 7.52 25.50
N LEU D 114 -1.60 7.19 26.75
CA LEU D 114 -2.51 6.39 27.60
C LEU D 114 -3.81 7.17 27.83
N GLY D 115 -3.69 8.47 28.07
CA GLY D 115 -4.86 9.34 28.33
C GLY D 115 -5.62 9.64 27.06
N CYS D 116 -5.07 9.29 25.90
CA CYS D 116 -5.66 9.77 24.63
C CYS D 116 -6.82 8.95 24.09
N GLY D 117 -7.96 9.04 24.76
CA GLY D 117 -9.22 8.52 24.20
C GLY D 117 -10.12 9.70 24.48
N THR D 118 -9.96 10.80 23.72
CA THR D 118 -10.64 12.03 24.19
C THR D 118 -11.53 12.83 23.25
N ASN D 119 -12.03 13.96 23.77
CA ASN D 119 -12.92 14.88 23.09
C ASN D 119 -12.55 16.33 23.39
N VAL E 2 21.40 -21.77 -19.55
CA VAL E 2 19.99 -22.07 -19.28
C VAL E 2 19.19 -22.08 -20.58
N GLN E 3 18.37 -23.12 -20.75
CA GLN E 3 17.64 -23.38 -21.97
C GLN E 3 16.24 -22.76 -21.93
N LEU E 4 15.56 -22.81 -23.07
CA LEU E 4 14.22 -22.24 -23.23
C LEU E 4 13.31 -23.32 -23.82
N VAL E 5 12.29 -23.71 -23.06
CA VAL E 5 11.33 -24.73 -23.48
C VAL E 5 10.06 -24.02 -23.94
N GLU E 6 9.58 -24.38 -25.14
CA GLU E 6 8.46 -23.70 -25.78
C GLU E 6 7.41 -24.71 -26.20
N SER E 7 6.14 -24.35 -26.01
CA SER E 7 5.01 -25.24 -26.30
C SER E 7 3.86 -24.43 -26.87
N GLY E 8 2.86 -25.15 -27.40
CA GLY E 8 1.64 -24.56 -27.91
C GLY E 8 1.51 -24.59 -29.42
N GLY E 9 2.47 -25.18 -30.14
CA GLY E 9 2.37 -25.29 -31.57
C GLY E 9 1.42 -26.41 -31.98
N GLY E 10 1.29 -26.56 -33.29
CA GLY E 10 0.42 -27.55 -33.87
C GLY E 10 -0.55 -26.94 -34.86
N LEU E 11 -1.17 -27.81 -35.64
CA LEU E 11 -2.02 -27.35 -36.71
C LEU E 11 -3.31 -26.73 -36.18
N VAL E 12 -3.71 -25.72 -36.96
CA VAL E 12 -4.93 -24.94 -36.60
C VAL E 12 -5.42 -24.18 -37.84
N GLN E 13 -6.74 -24.07 -37.99
CA GLN E 13 -7.37 -23.35 -39.14
C GLN E 13 -7.33 -21.84 -38.92
N ALA E 14 -7.59 -21.09 -39.99
CA ALA E 14 -7.54 -19.62 -39.91
C ALA E 14 -8.60 -19.08 -38.95
N GLY E 15 -8.25 -18.03 -38.21
CA GLY E 15 -9.19 -17.39 -37.26
C GLY E 15 -9.19 -18.10 -35.92
N GLU E 16 -8.39 -19.14 -35.78
CA GLU E 16 -8.25 -19.84 -34.48
C GLU E 16 -7.31 -19.06 -33.56
N SER E 17 -7.33 -19.38 -32.27
CA SER E 17 -6.40 -18.73 -31.32
C SER E 17 -5.54 -19.73 -30.56
N LEU E 18 -4.21 -19.65 -30.68
CA LEU E 18 -3.29 -20.50 -29.94
C LEU E 18 -2.56 -19.69 -28.88
N ARG E 19 -1.94 -20.39 -27.94
CA ARG E 19 -1.03 -19.78 -26.97
C ARG E 19 0.32 -20.45 -27.03
N LEU E 20 1.35 -19.69 -27.40
CA LEU E 20 2.73 -20.14 -27.32
C LEU E 20 3.29 -19.79 -25.95
N SER E 21 3.70 -20.82 -25.20
CA SER E 21 4.25 -20.65 -23.87
C SER E 21 5.73 -21.03 -23.87
N CYS E 22 6.53 -20.30 -23.08
CA CYS E 22 7.98 -20.53 -23.05
C CYS E 22 8.48 -20.29 -21.65
N ALA E 23 8.96 -21.34 -20.98
CA ALA E 23 9.48 -21.26 -19.62
C ALA E 23 11.00 -21.28 -19.67
N ALA E 24 11.62 -20.26 -19.08
CA ALA E 24 13.08 -20.18 -19.01
C ALA E 24 13.58 -20.96 -17.81
N SER E 25 14.70 -21.68 -18.01
CA SER E 25 15.37 -22.39 -16.93
C SER E 25 16.30 -21.44 -16.18
N GLY E 26 15.94 -20.16 -16.15
CA GLY E 26 16.72 -19.12 -15.52
C GLY E 26 15.93 -17.83 -15.60
N ARG E 27 16.61 -16.69 -15.70
CA ARG E 27 15.93 -15.37 -15.74
C ARG E 27 16.74 -14.38 -16.58
N THR E 28 16.26 -14.01 -17.78
CA THR E 28 17.07 -13.13 -18.64
C THR E 28 16.49 -11.73 -18.54
N PHE E 29 17.17 -10.74 -19.10
CA PHE E 29 16.62 -9.39 -19.10
C PHE E 29 15.18 -9.46 -19.54
N ALA E 30 15.00 -10.11 -20.67
CA ALA E 30 13.68 -10.18 -21.29
C ALA E 30 13.63 -11.46 -22.08
N MET E 31 12.51 -11.67 -22.75
CA MET E 31 12.45 -12.84 -23.63
C MET E 31 11.63 -12.41 -24.84
N ALA E 32 11.80 -13.10 -25.97
CA ALA E 32 11.09 -12.63 -27.18
C ALA E 32 10.80 -13.77 -28.14
N TRP E 33 9.82 -13.58 -28.99
CA TRP E 33 9.39 -14.58 -29.95
C TRP E 33 9.89 -14.20 -31.34
N PHE E 34 10.32 -15.20 -32.10
CA PHE E 34 10.94 -15.05 -33.41
C PHE E 34 10.26 -16.00 -34.38
N ARG E 35 9.90 -15.51 -35.58
CA ARG E 35 9.27 -16.38 -36.57
C ARG E 35 10.11 -16.46 -37.84
N GLN E 36 10.56 -17.68 -38.09
CA GLN E 36 11.32 -17.95 -39.33
C GLN E 36 10.34 -18.57 -40.31
N ALA E 37 9.84 -17.77 -41.22
CA ALA E 37 8.98 -18.33 -42.26
C ALA E 37 9.82 -19.22 -43.15
N PRO E 38 9.26 -20.29 -43.71
CA PRO E 38 10.05 -21.09 -44.59
C PRO E 38 10.47 -20.22 -45.77
N GLY E 39 11.75 -20.32 -46.14
CA GLY E 39 12.29 -19.56 -47.29
C GLY E 39 12.48 -18.11 -46.91
N LYS E 40 12.39 -17.81 -45.62
CA LYS E 40 12.43 -16.40 -45.20
C LYS E 40 13.29 -16.22 -43.96
N GLU E 41 13.75 -15.00 -43.73
CA GLU E 41 14.68 -14.74 -42.62
C GLU E 41 14.04 -14.82 -41.23
N ARG E 42 14.79 -14.43 -40.21
CA ARG E 42 14.38 -14.53 -38.82
C ARG E 42 13.69 -13.23 -38.42
N GLU E 43 12.42 -13.30 -38.06
CA GLU E 43 11.60 -12.12 -37.84
C GLU E 43 11.28 -11.97 -36.36
N PHE E 44 11.11 -10.72 -35.93
CA PHE E 44 10.74 -10.39 -34.57
C PHE E 44 9.22 -10.38 -34.45
N VAL E 45 8.67 -11.39 -33.78
CA VAL E 45 7.24 -11.40 -33.51
C VAL E 45 6.90 -10.32 -32.50
N ALA E 46 7.60 -10.38 -31.37
CA ALA E 46 7.39 -9.31 -30.37
C ALA E 46 8.48 -9.38 -29.31
N VAL E 47 8.56 -8.33 -28.50
CA VAL E 47 9.54 -8.32 -27.38
C VAL E 47 8.88 -7.61 -26.20
N ARG E 48 8.93 -8.21 -25.03
CA ARG E 48 8.45 -7.46 -23.85
C ARG E 48 9.54 -7.60 -22.82
N GLY E 49 10.19 -6.52 -22.46
CA GLY E 49 11.25 -6.73 -21.46
C GLY E 49 10.63 -7.43 -20.28
N TRP E 50 9.54 -6.87 -19.79
CA TRP E 50 8.82 -7.38 -18.60
C TRP E 50 9.62 -6.90 -17.38
N LEU E 51 10.70 -6.16 -17.64
CA LEU E 51 11.31 -5.42 -16.56
C LEU E 51 10.15 -4.47 -16.28
N GLY E 52 9.48 -4.02 -17.35
CA GLY E 52 8.23 -3.26 -17.19
C GLY E 52 7.29 -3.39 -18.37
N VAL E 53 6.10 -2.77 -18.32
CA VAL E 53 5.12 -2.64 -19.42
C VAL E 53 5.78 -2.16 -20.71
N THR E 54 6.95 -2.67 -21.08
CA THR E 54 7.43 -2.19 -22.39
C THR E 54 7.09 -3.25 -23.43
N THR E 55 6.46 -2.84 -24.52
CA THR E 55 6.06 -3.79 -25.56
C THR E 55 6.67 -3.36 -26.89
N TYR E 56 7.24 -4.30 -27.62
CA TYR E 56 7.73 -3.96 -28.98
C TYR E 56 7.24 -5.04 -29.97
N TYR E 57 5.95 -5.08 -30.27
CA TYR E 57 5.41 -6.04 -31.27
C TYR E 57 5.76 -5.62 -32.69
N ALA E 58 5.74 -6.57 -33.64
CA ALA E 58 5.91 -6.19 -35.06
C ALA E 58 4.57 -5.67 -35.58
N ASP E 59 4.54 -5.06 -36.77
CA ASP E 59 3.30 -4.43 -37.18
C ASP E 59 2.44 -5.29 -38.10
N SER E 60 2.91 -6.47 -38.51
CA SER E 60 2.01 -7.42 -39.15
C SER E 60 1.03 -8.01 -38.15
N VAL E 61 1.44 -8.16 -36.88
CA VAL E 61 0.66 -8.88 -35.89
C VAL E 61 0.10 -7.98 -34.81
N LYS E 62 0.42 -6.69 -34.79
CA LYS E 62 -0.24 -5.82 -33.83
C LYS E 62 -1.73 -5.76 -34.12
N GLY E 63 -2.53 -5.74 -33.05
CA GLY E 63 -3.96 -5.87 -33.17
C GLY E 63 -4.43 -7.20 -32.63
N ARG E 64 -3.71 -8.27 -32.95
CA ARG E 64 -4.13 -9.63 -32.63
C ARG E 64 -3.15 -10.35 -31.71
N PHE E 65 -1.91 -10.56 -32.15
CA PHE E 65 -0.94 -11.18 -31.27
C PHE E 65 -0.68 -10.28 -30.06
N THR E 66 -0.64 -10.89 -28.87
CA THR E 66 -0.38 -10.15 -27.65
C THR E 66 0.47 -11.01 -26.72
N ILE E 67 1.53 -10.41 -26.18
CA ILE E 67 2.51 -11.12 -25.38
C ILE E 67 2.43 -10.61 -23.95
N SER E 68 2.39 -11.55 -23.00
CA SER E 68 2.36 -11.27 -21.57
C SER E 68 3.41 -12.16 -20.90
N ARG E 69 3.49 -12.11 -19.56
CA ARG E 69 4.52 -12.90 -18.91
C ARG E 69 4.39 -12.87 -17.40
N ASP E 70 4.86 -13.94 -16.76
CA ASP E 70 4.93 -13.94 -15.29
C ASP E 70 6.40 -13.91 -14.96
N ASN E 71 6.84 -12.87 -14.29
CA ASN E 71 8.30 -12.76 -14.07
C ASN E 71 8.80 -13.85 -13.13
N ALA E 72 8.04 -14.22 -12.10
CA ALA E 72 8.64 -15.20 -11.16
C ALA E 72 8.93 -16.50 -11.86
N LYS E 73 7.97 -16.97 -12.64
CA LYS E 73 8.22 -18.17 -13.46
C LYS E 73 9.29 -17.81 -14.47
N ASN E 74 9.24 -16.58 -14.98
CA ASN E 74 10.13 -16.17 -16.09
C ASN E 74 9.58 -16.97 -17.25
N THR E 75 8.39 -16.59 -17.68
CA THR E 75 7.71 -17.38 -18.69
C THR E 75 6.88 -16.47 -19.58
N LEU E 76 7.09 -16.57 -20.89
CA LEU E 76 6.37 -15.76 -21.86
C LEU E 76 5.17 -16.54 -22.41
N ASP E 77 4.11 -15.79 -22.74
CA ASP E 77 2.87 -16.36 -23.29
C ASP E 77 2.41 -15.45 -24.42
N LEU E 78 2.78 -15.80 -25.65
CA LEU E 78 2.29 -15.11 -26.83
C LEU E 78 0.89 -15.62 -27.14
N GLN E 79 -0.12 -14.83 -26.81
CA GLN E 79 -1.51 -15.17 -27.10
C GLN E 79 -1.83 -14.70 -28.51
N MET E 80 -1.81 -15.64 -29.46
CA MET E 80 -2.02 -15.33 -30.87
C MET E 80 -3.48 -15.56 -31.22
N ASN E 81 -4.17 -14.52 -31.66
CA ASN E 81 -5.59 -14.67 -32.10
C ASN E 81 -5.73 -14.23 -33.54
N SER E 82 -6.88 -14.48 -34.15
CA SER E 82 -7.15 -14.02 -35.54
C SER E 82 -6.05 -14.53 -36.45
N LEU E 83 -5.64 -15.77 -36.22
CA LEU E 83 -4.50 -16.31 -36.99
C LEU E 83 -4.80 -16.37 -38.47
N LYS E 84 -3.97 -15.74 -39.28
CA LYS E 84 -4.08 -15.82 -40.73
C LYS E 84 -3.04 -16.79 -41.27
N PRO E 85 -3.18 -17.22 -42.53
CA PRO E 85 -2.19 -18.18 -43.07
C PRO E 85 -0.83 -17.58 -43.37
N GLU E 86 -0.59 -16.33 -43.00
CA GLU E 86 0.73 -15.72 -43.12
C GLU E 86 1.52 -15.73 -41.82
N ASP E 87 0.98 -16.34 -40.77
CA ASP E 87 1.71 -16.59 -39.53
C ASP E 87 2.23 -18.01 -39.45
N THR E 88 2.12 -18.69 -40.60
CA THR E 88 2.57 -20.09 -40.67
C THR E 88 4.08 -20.07 -40.70
N ALA E 89 4.72 -20.41 -39.59
CA ALA E 89 6.19 -20.48 -39.57
C ALA E 89 6.73 -21.02 -38.25
N VAL E 90 8.04 -20.97 -38.08
CA VAL E 90 8.63 -21.37 -36.81
C VAL E 90 8.34 -20.28 -35.78
N TYR E 91 8.47 -20.63 -34.50
CA TYR E 91 8.32 -19.66 -33.43
C TYR E 91 9.34 -19.99 -32.33
N TYR E 92 10.46 -19.28 -32.33
CA TYR E 92 11.51 -19.49 -31.34
C TYR E 92 11.27 -18.59 -30.12
N CYS E 93 12.10 -18.73 -29.11
CA CYS E 93 11.95 -17.98 -27.86
C CYS E 93 13.06 -17.02 -27.46
N TYR E 103 17.55 -4.91 -24.63
CA TYR E 103 16.21 -4.53 -24.12
C TYR E 103 15.90 -3.09 -24.50
N ASP E 104 16.85 -2.42 -25.13
CA ASP E 104 16.69 -0.99 -25.47
C ASP E 104 16.29 -0.91 -26.94
N ARG E 105 16.92 -0.02 -27.69
CA ARG E 105 16.61 0.02 -29.12
C ARG E 105 17.47 -1.07 -29.71
N GLU E 106 17.09 -2.30 -29.40
CA GLU E 106 17.88 -3.45 -29.86
C GLU E 106 16.95 -4.67 -29.87
N THR E 107 16.62 -5.15 -31.07
CA THR E 107 15.85 -6.40 -31.21
C THR E 107 16.80 -7.59 -31.29
N GLU E 108 17.87 -7.53 -32.10
CA GLU E 108 18.78 -8.70 -32.36
C GLU E 108 19.65 -9.12 -31.16
N TYR E 109 20.18 -10.35 -31.08
CA TYR E 109 21.22 -10.79 -30.08
C TYR E 109 20.74 -11.20 -28.68
N ASN E 110 20.37 -12.47 -28.49
CA ASN E 110 19.99 -13.02 -27.15
C ASN E 110 20.11 -14.55 -27.19
N TYR E 111 20.11 -15.25 -26.05
CA TYR E 111 20.07 -16.75 -26.03
C TYR E 111 18.72 -17.24 -26.60
N TRP E 112 18.66 -18.38 -27.30
CA TRP E 112 17.40 -18.81 -27.97
C TRP E 112 16.89 -20.23 -27.66
N GLY E 113 15.74 -20.62 -28.24
CA GLY E 113 15.11 -21.91 -28.12
C GLY E 113 15.12 -22.66 -29.44
N GLN E 114 14.59 -23.89 -29.38
CA GLN E 114 14.60 -24.74 -30.56
C GLN E 114 13.60 -24.26 -31.61
N GLY E 115 12.40 -23.90 -31.19
CA GLY E 115 11.35 -23.50 -32.11
C GLY E 115 10.11 -24.35 -31.96
N THR E 116 8.94 -23.76 -32.14
CA THR E 116 7.67 -24.47 -32.04
C THR E 116 6.88 -24.25 -33.32
N ARG E 117 6.43 -25.36 -33.91
CA ARG E 117 5.82 -25.37 -35.23
C ARG E 117 4.36 -24.91 -35.14
N VAL E 118 4.00 -23.89 -35.92
CA VAL E 118 2.63 -23.39 -35.99
C VAL E 118 2.25 -23.29 -37.45
N THR E 119 1.36 -24.18 -37.90
CA THR E 119 0.86 -24.18 -39.27
C THR E 119 -0.59 -23.71 -39.27
N VAL E 120 -0.88 -22.71 -40.10
CA VAL E 120 -2.22 -22.18 -40.26
C VAL E 120 -2.73 -22.67 -41.61
N SER E 121 -3.59 -23.69 -41.58
CA SER E 121 -4.23 -24.18 -42.79
C SER E 121 -5.47 -23.33 -43.11
N SER E 122 -6.16 -23.71 -44.19
CA SER E 122 -7.49 -23.16 -44.49
C SER E 122 -8.23 -24.29 -45.24
N HIS E 123 -8.68 -25.27 -44.46
CA HIS E 123 -9.24 -26.51 -44.98
C HIS E 123 -10.73 -26.30 -45.26
N HIS E 124 -11.04 -26.00 -46.52
CA HIS E 124 -12.41 -25.68 -46.91
C HIS E 124 -13.25 -26.94 -47.06
CO CNC F . -31.02 -7.61 -1.07
N21 CNC F . -31.09 -6.24 0.15
N22 CNC F . -32.86 -7.75 -1.24
N23 CNC F . -30.50 -9.36 -1.41
N24 CNC F . -29.50 -6.94 -1.51
C1 CNC F . -29.94 -5.46 0.32
C20 CNC F . -29.13 -5.96 1.69
C2 CNC F . -30.42 -4.00 0.55
C25 CNC F . -29.63 -2.78 0.52
C26 CNC F . -30.53 -3.76 -0.99
C27 CNC F . -31.06 -2.42 -1.69
O28 CNC F . -32.23 -2.24 -2.00
N29 CNC F . -30.30 -1.34 -2.09
C3 CNC F . -31.95 -4.03 1.01
C30 CNC F . -31.96 -4.01 1.06
C31 CNC F . -32.73 -2.41 1.68
C32 CNC F . -32.94 -2.17 3.37
O34 CNC F . -32.48 -2.87 4.29
N33 CNC F . -33.87 -0.93 3.83
C4 CNC F . -32.17 -5.51 0.77
C5 CNC F . -33.58 -5.50 -0.14
C35 CNC F . -34.74 -4.53 -0.16
C6 CNC F . -33.88 -6.90 -0.82
C7 CNC F . -35.30 -7.62 -0.87
C36 CNC F . -36.21 -7.39 0.28
C37 CNC F . -36.08 -7.29 -2.06
C38 CNC F . -37.47 -7.76 -2.05
O39 CNC F . -37.77 -8.93 -1.93
N40 CNC F . -38.51 -6.79 -2.20
C8 CNC F . -34.85 -9.08 -0.97
C41 CNC F . -34.87 -9.83 0.37
C42 CNC F . -36.25 -10.62 0.69
C43 CNC F . -36.19 -11.75 1.76
O44 CNC F . -36.05 -11.55 2.95
N45 CNC F . -36.32 -13.22 1.29
C9 CNC F . -33.56 -8.81 -1.66
C10 CNC F . -33.02 -10.29 -1.55
C11 CNC F . -31.44 -10.39 -1.74
C12 CNC F . -30.81 -11.23 -2.89
C46 CNC F . -31.62 -12.68 -3.07
C47 CNC F . -30.95 -10.83 -4.39
C13 CNC F . -29.32 -11.22 -2.36
C48 CNC F . -28.99 -12.38 -1.47
C49 CNC F . -28.73 -13.59 -2.06
C50 CNC F . -27.42 -13.80 -2.50
O51 CNC F . -26.53 -12.94 -2.34
N52 CNC F . -27.14 -14.94 -3.10
C14 CNC F . -29.31 -9.96 -1.59
C15 CNC F . -28.14 -9.14 -2.21
C53 CNC F . -26.99 -9.83 -2.85
C16 CNC F . -28.25 -7.67 -2.01
C17 CNC F . -27.04 -6.84 -1.72
C54 CNC F . -26.42 -6.34 -2.97
C55 CNC F . -25.73 -7.44 -0.97
C56 CNC F . -26.07 -8.20 0.37
C57 CNC F . -24.73 -8.84 1.00
O58 CNC F . -24.23 -9.85 0.54
N59 CNC F . -24.08 -8.20 2.14
C18 CNC F . -27.64 -5.74 -0.77
C60 CNC F . -26.87 -4.45 -0.96
C61 CNC F . -26.38 -3.76 0.19
O63 CNC F . -26.08 -4.23 1.24
N62 CNC F . -26.19 -2.39 0.17
C19 CNC F . -29.10 -5.79 -1.15
C1P CNC F . -22.87 -8.74 2.67
C2P CNC F . -23.06 -9.88 3.55
C3P CNC F . -21.68 -10.33 4.07
O3 CNC F . -23.85 -9.53 4.71
O4 CNC F . -26.00 -9.80 6.01
O5 CNC F . -24.54 -11.79 5.67
P CNC F . -25.03 -10.50 5.05
O2 CNC F . -25.81 -10.83 3.65
C3R CNC F . -27.15 -11.53 3.64
C2R CNC F . -28.17 -10.71 3.75
O7R CNC F . -27.87 -9.42 3.08
C1R CNC F . -29.36 -11.42 3.03
O6R CNC F . -28.61 -12.08 1.89
C4R CNC F . -27.33 -12.20 2.22
C5R CNC F . -26.92 -13.67 2.36
O8R CNC F . -26.37 -14.07 1.20
N1B CNC F . -30.09 -10.42 2.50
C8B CNC F . -31.02 -9.67 3.15
C2B CNC F . -29.97 -9.92 1.25
N3B CNC F . -30.83 -8.86 1.10
C9B CNC F . -31.48 -8.70 2.28
C4B CNC F . -32.45 -7.76 2.66
C5B CNC F . -32.96 -7.82 3.97
C5M CNC F . -34.00 -6.69 4.14
C6B CNC F . -32.52 -8.79 4.87
C6M CNC F . -33.08 -8.81 6.25
C7B CNC F . -31.54 -9.70 4.47
N1A CNC F . -31.74 -6.46 -4.10
C1A CNC F . -31.45 -6.88 -3.01
CA CA G . -34.69 0.77 6.50
CO CNC H . 26.10 18.57 -1.81
N21 CNC H . 26.18 17.06 -2.85
N22 CNC H . 27.64 19.32 -2.54
N23 CNC H . 26.15 19.27 -0.10
N24 CNC H . 24.41 18.29 -1.79
C1 CNC H . 25.01 16.30 -3.00
C20 CNC H . 25.06 15.00 -1.98
C2 CNC H . 24.99 15.79 -4.47
C25 CNC H . 23.88 15.19 -5.19
C26 CNC H . 24.37 17.12 -4.97
C27 CNC H . 24.05 17.49 -6.49
O28 CNC H . 24.85 18.07 -7.23
N29 CNC H . 22.88 17.27 -7.17
C3 CNC H . 26.48 15.84 -5.05
C30 CNC H . 26.50 15.79 -5.06
C31 CNC H . 26.83 14.96 -6.71
C32 CNC H . 27.62 13.42 -6.74
O34 CNC H . 27.85 12.68 -5.77
N33 CNC H . 28.15 12.90 -8.17
C4 CNC H . 27.08 16.59 -3.88
C5 CNC H . 27.90 17.84 -4.66
C35 CNC H . 28.53 17.90 -6.05
C6 CNC H . 28.38 18.97 -3.68
C7 CNC H . 29.79 19.68 -3.68
C36 CNC H . 30.95 18.85 -4.10
C37 CNC H . 29.84 20.88 -4.51
C38 CNC H . 31.19 21.44 -4.72
O39 CNC H . 31.91 21.79 -3.79
N40 CNC H . 31.66 21.57 -6.06
C8 CNC H . 29.89 20.10 -2.22
C41 CNC H . 30.72 19.14 -1.34
C42 CNC H . 32.29 19.51 -1.22
C43 CNC H . 33.07 18.90 -0.02
O44 CNC H . 33.37 17.72 0.05
N45 CNC H . 33.50 19.82 1.13
C9 CNC H . 28.43 20.24 -1.99
C10 CNC H . 28.54 20.45 -0.42
C11 CNC H . 27.16 20.18 0.34
C12 CNC H . 26.47 21.29 1.18
C46 CNC H . 27.59 22.15 2.06
C47 CNC H . 25.82 22.55 0.52
C13 CNC H . 25.43 20.35 1.92
C48 CNC H . 25.92 19.82 3.24
C49 CNC H . 25.88 20.67 4.32
C50 CNC H . 24.68 20.74 5.01
O51 CNC H . 23.68 20.05 4.68
N52 CNC H . 24.59 21.55 6.04
C14 CNC H . 25.28 19.26 0.94
C15 CNC H . 23.76 19.21 0.65
C53 CNC H . 22.77 19.66 1.65
C16 CNC H . 23.41 18.60 -0.67
C17 CNC H . 22.22 17.71 -0.82
C54 CNC H . 21.00 18.49 -1.19
C55 CNC H . 21.63 16.82 0.41
C56 CNC H . 22.73 15.96 1.15
C57 CNC H . 22.08 15.20 2.41
O58 CNC H . 21.83 15.78 3.45
N59 CNC H . 21.77 13.77 2.32
C18 CNC H . 22.72 16.69 -1.90
C60 CNC H . 21.54 16.21 -2.73
C61 CNC H . 21.35 14.81 -2.93
O63 CNC H . 21.69 13.92 -2.21
N62 CNC H . 20.70 14.34 -4.04
C19 CNC H . 23.80 17.48 -2.57
C1P CNC H . 21.16 13.11 3.42
C2P CNC H . 22.08 12.73 4.48
C3P CNC H . 21.28 11.98 5.57
O3 CNC H . 23.09 11.81 4.01
O4 CNC H . 25.52 11.38 3.50
O5 CNC H . 24.85 11.88 5.84
P CNC H . 24.57 12.17 4.39
O2 CNC H . 24.76 13.78 4.10
C3R CNC H . 26.14 14.40 4.11
C2R CNC H . 26.76 14.35 2.97
O7R CNC H . 25.77 14.46 1.85
C1R CNC H . 27.71 15.60 2.95
O6R CNC H . 26.86 16.59 3.68
C4R CNC H . 25.95 15.95 4.40
C5R CNC H . 26.18 16.16 5.91
O8R CNC H . 25.38 17.17 6.31
N1B CNC H . 27.77 15.97 1.66
C8B CNC H . 28.55 15.43 0.69
C2B CNC H . 26.98 16.90 1.06
N3B CNC H . 27.27 16.96 -0.28
C9B CNC H . 28.23 16.04 -0.51
C4B CNC H . 28.89 15.69 -1.72
C5B CNC H . 29.87 14.69 -1.68
C5M CNC H . 30.42 14.48 -3.12
C6B CNC H . 30.21 14.06 -0.49
C6M CNC H . 31.25 12.98 -0.50
C7B CNC H . 29.54 14.41 0.69
N1A CNC H . 25.09 21.14 -3.64
C1A CNC H . 25.42 20.21 -2.97
CA CA I . 29.33 10.21 -9.61
CA CA J . 1.20 -17.57 0.51
CA CA K . -2.98 -15.76 23.55
CA CA L . 3.10 10.59 21.58
CA CA M . 15.36 -9.43 21.84
#